data_9S3Z
#
_entry.id   9S3Z
#
_cell.length_a   1.00
_cell.length_b   1.00
_cell.length_c   1.00
_cell.angle_alpha   90.00
_cell.angle_beta   90.00
_cell.angle_gamma   90.00
#
_symmetry.space_group_name_H-M   'P 1'
#
loop_
_entity.id
_entity.type
_entity.pdbx_description
1 polymer 'Glutamate receptor 1'
2 polymer 'Glutamate receptor 4'
3 non-polymer 6-nitro-2,3-bis(oxidanylidene)-1,4-dihydrobenzo[f]quinoxaline-7-sulfonamide
#
loop_
_entity_poly.entity_id
_entity_poly.type
_entity_poly.pdbx_seq_one_letter_code
_entity_poly.pdbx_strand_id
1 'polypeptide(L)'
;ANFPNNIQIGGLFPNQQSQEHAAFRFALSQLTEPPKLLPQIDIVNISDSFEMTYRFCSQFSKGVYAIFGFYERRTVNMLT
SFCGALHVCFITPSFPVDTSNQFVLQLRPELQDALISIIDHYKWQKFVYIYDADRGLSVLQKVLDTAAEKNWQVTAVNIL
TTTEEGYRMLFQDLEKKKERLVVVDCESERLNAILGQIIKLEKNGIGYHYILANLGFMDIDLNKFKESGANVTGFQLVNY
TDTIPAKIMQQWKTSDARDHTRVDWKRPKYTSALTYDGVKVMAEAFQSLRRQRIDISRRGNAGDCLANPAVPWGQGIDIQ
RALQQVRFEGLTGNVQFNEKGRRTNYTLHVIEMKHDGIRKIGYWNEDDKFVPAATDAQAGGDNSSVQNRTYIVTTILEDP
YVMLKKNANQFEGNDRYEGYCVELAAEIAKHVGYSYRLEIVSDGKYGARDPDTKAWNGMVGELVYGRADVAVAPLTITLV
REEVIDFSKPFMSLGISIMIKKPQKSKPGVFSFLDPLAYEIWMCIVFAYIGVSVVLFLVSRFSPYEWHSEEFEEGRDQTT
SDQSNEFGIFNSLWFSLGAFMQQGCDISPRSLSGRIVGGVWWFFTLIIISSYTANLAAFLTVERMVSPIESAEDLAKQTE
IAYGTLEAGSTKEFFRRSKIAVFEKMWTYMKSAEPSVFVRTTEEGMIRVRKSKGKYAYLLESTMNEYIEQRKPCDTMKVG
GNLDSKGYGIATPKGSALRNPVNLAVLKLNEQGLLDKLKNKWWYDKGECGSKDSGSKDKTSALSLSNVAGVFYILIGGLG
LAMLVALIEFCYKSRSESKRMKGFCLIPQQSINEAIRTSTLPRNSGAGASGGGSGENGRVVSHDFPKSMQSIPCMSHSTG
MPLGATGL
;
A,C
2 'polypeptide(L)'
;AFPSSVQIGGLFIRNTDQEYTAFRLAIFLHNTSPNASEAPFNLVPHVDNIETANSFAVTNAFCSQYSRGVFAIFGLYDKR
SVHTLTSFCSALHISLITPSFPTEGESQFVLQLRPSLRGALLSLLDHYEWNCFVFLYDTDRGYSILQAIMEKAGQNGWHV
SAICVENFNDVSYRQLLEELDRRQEKKFVIDCEIERLQNILEQIVSVGKHVKGYHYIIANLGFKDISLERFIHGGANVTG
FQLVDFNTPMVTKLMDRWKKLDQREYPGSETPPKYTSALTYDGVLVMAETFRNLRRQKIDISRRGNAGDCLANPAAPWGQ
GIDMERTLKQVQIQGLTGNVQFDHYGRRVNYTMDVFELKSTGPRKVGYWNDMDKLVLIQDVPTLGNDTAAIENRTVVVTT
IMESPYVMYKKNHEMFEGNDKYEGYCVDLASEIAKHIGIKYKIAIVPDGKYGARDADTKIWNGMVGELVYGKAEIAIAPL
TITLVREEVIDFSKPFMSLGISIMIKKPQKSKPGVFSFLDPLAYEIWMCIVFAYIGVSVVLFLVSRFSPYEWHTEEPEDG
KEGPSDQPPNEFGIFNSLWFSLGAFMQQGCDISPRSLSGRIVGGVWWFFTLIIISSYTANLAAFLTVERMVSPIESAEDL
AKQTEIAYGTLDSGSTKEFFRRSKIAVYEKMWTYMRSAEPSVFTRTTAEGVARVRKSKGKFAFLLESTMNEYIEQRKPCD
TMKVGGNLDSKGYGVATPKGSSLRTPVNLAVLKLSEAGVLDKLKNKWWYDKGECGPKDSGSKDKTSALSLSNVAGVFYIL
VGGLGLAMLVALIEFCYKSRAEAKRMKVAKSAQTFNPTSSQNTQNLATYREGYNVYGTESIKI
;
B,D
#
loop_
_chem_comp.id
_chem_comp.type
_chem_comp.name
_chem_comp.formula
E2Q non-polymer 6-nitro-2,3-bis(oxidanylidene)-1,4-dihydrobenzo[f]quinoxaline-7-sulfonamide 'C12 H8 N4 O6 S'
#
# COMPACT_ATOMS: atom_id res chain seq x y z
N VAL A 386 -48.84 -3.60 -27.11
CA VAL A 386 -47.50 -3.37 -27.64
C VAL A 386 -47.34 -4.06 -28.99
N GLN A 387 -48.36 -3.93 -29.84
CA GLN A 387 -48.36 -4.51 -31.18
C GLN A 387 -48.78 -3.43 -32.17
N ASN A 388 -48.49 -3.68 -33.45
CA ASN A 388 -48.71 -2.72 -34.53
C ASN A 388 -47.85 -1.47 -34.36
N ARG A 389 -46.75 -1.58 -33.63
CA ARG A 389 -45.86 -0.47 -33.36
C ARG A 389 -44.42 -0.93 -33.51
N THR A 390 -43.59 -0.12 -34.15
CA THR A 390 -42.18 -0.41 -34.35
C THR A 390 -41.35 0.47 -33.43
N TYR A 391 -40.40 -0.14 -32.74
CA TYR A 391 -39.57 0.57 -31.78
C TYR A 391 -38.26 1.01 -32.44
N ILE A 392 -37.72 2.12 -31.94
CA ILE A 392 -36.50 2.72 -32.46
C ILE A 392 -35.36 2.26 -31.55
N VAL A 393 -34.56 1.31 -32.04
CA VAL A 393 -33.40 0.84 -31.29
C VAL A 393 -32.23 1.77 -31.55
N THR A 394 -31.49 2.10 -30.49
CA THR A 394 -30.31 2.98 -30.58
C THR A 394 -29.08 2.16 -30.22
N THR A 395 -28.08 2.18 -31.09
CA THR A 395 -26.83 1.46 -30.85
C THR A 395 -25.71 2.12 -31.65
N ILE A 396 -24.48 1.95 -31.16
CA ILE A 396 -23.32 2.59 -31.75
C ILE A 396 -22.62 1.62 -32.68
N LEU A 397 -21.81 2.18 -33.60
CA LEU A 397 -20.94 1.37 -34.46
C LEU A 397 -19.65 1.09 -33.72
N GLU A 398 -19.57 -0.09 -33.10
CA GLU A 398 -18.36 -0.57 -32.46
C GLU A 398 -18.19 -2.04 -32.81
N ASP A 399 -16.96 -2.40 -33.16
CA ASP A 399 -16.77 -3.81 -33.53
C ASP A 399 -16.40 -4.63 -32.30
N PRO A 400 -16.80 -5.91 -32.24
CA PRO A 400 -17.64 -6.65 -33.22
C PRO A 400 -19.13 -6.38 -33.06
N TYR A 401 -19.50 -5.50 -32.14
CA TYR A 401 -20.89 -5.35 -31.73
C TYR A 401 -21.80 -4.98 -32.90
N VAL A 402 -21.59 -3.81 -33.48
CA VAL A 402 -22.32 -3.37 -34.67
C VAL A 402 -21.28 -2.91 -35.71
N MET A 403 -21.24 -3.61 -36.84
CA MET A 403 -20.35 -3.29 -37.93
C MET A 403 -21.14 -3.21 -39.24
N LEU A 404 -20.77 -2.26 -40.09
CA LEU A 404 -21.39 -2.18 -41.41
C LEU A 404 -20.98 -3.38 -42.27
N LYS A 405 -21.94 -3.94 -42.98
CA LYS A 405 -21.67 -5.10 -43.82
C LYS A 405 -20.78 -4.71 -44.99
N LYS A 406 -19.99 -5.68 -45.46
CA LYS A 406 -19.23 -5.48 -46.69
C LYS A 406 -20.13 -5.31 -47.90
N ASN A 407 -21.38 -5.78 -47.80
CA ASN A 407 -22.40 -5.61 -48.83
C ASN A 407 -23.42 -4.55 -48.43
N ALA A 408 -22.96 -3.46 -47.82
CA ALA A 408 -23.88 -2.48 -47.24
C ALA A 408 -24.76 -1.83 -48.29
N ASN A 409 -24.20 -1.48 -49.44
CA ASN A 409 -24.93 -0.63 -50.38
C ASN A 409 -26.00 -1.36 -51.18
N GLN A 410 -26.05 -2.69 -51.14
CA GLN A 410 -27.15 -3.44 -51.73
C GLN A 410 -28.18 -3.92 -50.71
N PHE A 411 -28.04 -3.54 -49.44
CA PHE A 411 -28.99 -3.90 -48.41
C PHE A 411 -29.55 -2.65 -47.74
N GLU A 412 -30.77 -2.77 -47.21
CA GLU A 412 -31.47 -1.66 -46.61
C GLU A 412 -32.11 -2.12 -45.30
N GLY A 413 -32.40 -1.15 -44.44
CA GLY A 413 -33.04 -1.47 -43.17
C GLY A 413 -32.09 -2.13 -42.19
N ASN A 414 -32.63 -3.03 -41.38
CA ASN A 414 -31.81 -3.76 -40.41
C ASN A 414 -30.80 -4.67 -41.07
N ASP A 415 -30.97 -4.97 -42.36
CA ASP A 415 -30.02 -5.80 -43.09
C ASP A 415 -28.70 -5.08 -43.36
N ARG A 416 -28.64 -3.76 -43.14
CA ARG A 416 -27.40 -3.04 -43.38
C ARG A 416 -26.34 -3.41 -42.35
N TYR A 417 -26.73 -3.61 -41.09
CA TYR A 417 -25.80 -3.83 -40.00
C TYR A 417 -25.70 -5.31 -39.65
N GLU A 418 -24.48 -5.77 -39.39
CA GLU A 418 -24.23 -7.11 -38.89
C GLU A 418 -23.31 -7.03 -37.67
N GLY A 419 -23.48 -7.95 -36.75
CA GLY A 419 -22.64 -7.97 -35.57
C GLY A 419 -23.31 -8.68 -34.42
N TYR A 420 -22.60 -8.68 -33.30
CA TYR A 420 -23.09 -9.33 -32.08
C TYR A 420 -24.38 -8.67 -31.59
N CYS A 421 -24.39 -7.34 -31.52
CA CYS A 421 -25.54 -6.64 -30.96
C CYS A 421 -26.75 -6.70 -31.88
N VAL A 422 -26.54 -6.75 -33.20
CA VAL A 422 -27.67 -6.87 -34.11
C VAL A 422 -28.37 -8.22 -33.93
N GLU A 423 -27.60 -9.30 -33.83
CA GLU A 423 -28.19 -10.60 -33.57
C GLU A 423 -28.84 -10.65 -32.19
N LEU A 424 -28.22 -9.99 -31.21
CA LEU A 424 -28.84 -9.91 -29.88
C LEU A 424 -30.18 -9.20 -29.94
N ALA A 425 -30.26 -8.10 -30.68
CA ALA A 425 -31.52 -7.39 -30.84
C ALA A 425 -32.55 -8.25 -31.54
N ALA A 426 -32.13 -8.99 -32.57
CA ALA A 426 -33.06 -9.87 -33.27
C ALA A 426 -33.63 -10.93 -32.34
N GLU A 427 -32.77 -11.56 -31.52
CA GLU A 427 -33.25 -12.58 -30.60
C GLU A 427 -34.15 -11.98 -29.53
N ILE A 428 -33.82 -10.79 -29.03
CA ILE A 428 -34.66 -10.16 -28.02
C ILE A 428 -36.02 -9.79 -28.60
N ALA A 429 -36.05 -9.28 -29.84
CA ALA A 429 -37.31 -8.98 -30.48
C ALA A 429 -38.12 -10.25 -30.73
N LYS A 430 -37.44 -11.35 -31.04
CA LYS A 430 -38.14 -12.62 -31.21
C LYS A 430 -38.79 -13.08 -29.90
N HIS A 431 -38.04 -13.00 -28.80
CA HIS A 431 -38.55 -13.48 -27.52
C HIS A 431 -39.65 -12.58 -26.97
N VAL A 432 -39.42 -11.26 -26.96
CA VAL A 432 -40.43 -10.34 -26.43
C VAL A 432 -41.62 -10.27 -27.37
N GLY A 433 -41.38 -10.24 -28.68
CA GLY A 433 -42.46 -10.21 -29.65
C GLY A 433 -42.84 -8.82 -30.11
N TYR A 434 -41.87 -8.04 -30.58
CA TYR A 434 -42.15 -6.71 -31.11
C TYR A 434 -41.35 -6.50 -32.40
N SER A 435 -41.82 -5.57 -33.21
CA SER A 435 -41.09 -5.14 -34.40
C SER A 435 -40.20 -3.97 -34.06
N TYR A 436 -38.99 -3.96 -34.63
CA TYR A 436 -38.00 -2.95 -34.30
C TYR A 436 -37.26 -2.52 -35.55
N ARG A 437 -36.69 -1.31 -35.50
CA ARG A 437 -35.86 -0.77 -36.56
C ARG A 437 -34.57 -0.27 -35.95
N LEU A 438 -33.44 -0.69 -36.53
CA LEU A 438 -32.14 -0.26 -36.02
C LEU A 438 -31.86 1.18 -36.43
N GLU A 439 -31.46 1.99 -35.46
CA GLU A 439 -31.09 3.39 -35.72
C GLU A 439 -29.84 3.71 -34.92
N ILE A 440 -28.94 4.46 -35.53
CA ILE A 440 -27.65 4.79 -34.92
C ILE A 440 -27.73 6.15 -34.26
N VAL A 441 -27.06 6.28 -33.10
CA VAL A 441 -26.90 7.58 -32.47
C VAL A 441 -26.11 8.49 -33.40
N SER A 442 -26.55 9.75 -33.49
CA SER A 442 -25.96 10.68 -34.45
C SER A 442 -24.51 11.01 -34.09
N ASP A 443 -24.25 11.33 -32.83
CA ASP A 443 -22.93 11.78 -32.41
C ASP A 443 -21.96 10.64 -32.15
N GLY A 444 -22.43 9.40 -32.09
CA GLY A 444 -21.54 8.25 -31.97
C GLY A 444 -20.70 8.21 -30.72
N LYS A 445 -21.32 8.46 -29.57
CA LYS A 445 -20.62 8.45 -28.29
C LYS A 445 -21.45 7.70 -27.26
N TYR A 446 -20.77 7.12 -26.28
CA TYR A 446 -21.46 6.60 -25.10
C TYR A 446 -21.83 7.75 -24.17
N GLY A 447 -22.94 7.56 -23.45
CA GLY A 447 -23.52 8.66 -22.71
C GLY A 447 -22.58 9.16 -21.61
N ALA A 448 -22.43 10.48 -21.56
CA ALA A 448 -21.68 11.14 -20.50
C ALA A 448 -22.44 12.39 -20.09
N ARG A 449 -22.26 12.80 -18.83
CA ARG A 449 -22.98 13.94 -18.28
C ARG A 449 -22.15 15.20 -18.46
N ASP A 450 -22.72 16.21 -19.10
CA ASP A 450 -22.02 17.46 -19.30
C ASP A 450 -21.90 18.21 -17.97
N PRO A 451 -20.70 18.59 -17.55
CA PRO A 451 -20.56 19.32 -16.28
C PRO A 451 -21.25 20.68 -16.28
N ASP A 452 -21.47 21.28 -17.46
CA ASP A 452 -22.04 22.63 -17.52
C ASP A 452 -23.56 22.60 -17.68
N THR A 453 -24.04 21.97 -18.76
CA THR A 453 -25.47 21.97 -19.06
C THR A 453 -26.22 20.81 -18.42
N LYS A 454 -25.51 19.88 -17.77
CA LYS A 454 -26.13 18.71 -17.14
C LYS A 454 -26.98 17.91 -18.13
N ALA A 455 -26.54 17.83 -19.38
CA ALA A 455 -27.27 17.14 -20.42
C ALA A 455 -26.57 15.83 -20.78
N TRP A 456 -27.37 14.84 -21.18
CA TRP A 456 -26.87 13.54 -21.59
C TRP A 456 -26.78 13.48 -23.11
N ASN A 457 -25.65 12.99 -23.61
CA ASN A 457 -25.41 12.83 -25.03
C ASN A 457 -25.34 11.35 -25.39
N GLY A 458 -25.21 11.07 -26.68
CA GLY A 458 -25.02 9.71 -27.13
C GLY A 458 -26.27 8.85 -26.97
N MET A 459 -26.05 7.54 -26.84
CA MET A 459 -27.15 6.60 -26.70
C MET A 459 -27.92 6.83 -25.41
N VAL A 460 -27.21 7.09 -24.31
CA VAL A 460 -27.89 7.37 -23.05
C VAL A 460 -28.72 8.63 -23.16
N GLY A 461 -28.18 9.67 -23.80
CA GLY A 461 -28.96 10.89 -24.00
C GLY A 461 -30.18 10.66 -24.85
N GLU A 462 -30.06 9.85 -25.90
CA GLU A 462 -31.21 9.52 -26.74
C GLU A 462 -32.24 8.72 -25.95
N LEU A 463 -31.80 7.91 -24.99
CA LEU A 463 -32.72 7.14 -24.16
C LEU A 463 -33.47 8.03 -23.18
N VAL A 464 -32.75 8.93 -22.51
CA VAL A 464 -33.35 9.75 -21.46
C VAL A 464 -34.44 10.65 -22.03
N TYR A 465 -34.19 11.27 -23.18
CA TYR A 465 -35.10 12.24 -23.76
C TYR A 465 -36.20 11.59 -24.60
N GLY A 466 -36.24 10.26 -24.67
CA GLY A 466 -37.33 9.56 -25.32
C GLY A 466 -37.22 9.42 -26.81
N ARG A 467 -36.05 9.67 -27.40
CA ARG A 467 -35.89 9.52 -28.84
C ARG A 467 -35.84 8.07 -29.27
N ALA A 468 -35.48 7.15 -28.37
CA ALA A 468 -35.34 5.74 -28.71
C ALA A 468 -35.83 4.89 -27.54
N ASP A 469 -36.11 3.62 -27.83
CA ASP A 469 -36.72 2.71 -26.87
C ASP A 469 -35.71 1.79 -26.20
N VAL A 470 -34.97 1.01 -26.99
CA VAL A 470 -34.07 -0.01 -26.45
C VAL A 470 -32.67 0.24 -27.01
N ALA A 471 -31.67 0.13 -26.15
CA ALA A 471 -30.27 0.31 -26.53
C ALA A 471 -29.53 -1.00 -26.30
N VAL A 472 -29.56 -1.87 -27.31
CA VAL A 472 -28.81 -3.12 -27.27
C VAL A 472 -27.40 -2.86 -27.79
N ALA A 473 -26.52 -2.46 -26.90
CA ALA A 473 -25.18 -2.00 -27.27
C ALA A 473 -24.25 -2.30 -26.11
N PRO A 474 -22.92 -2.20 -26.33
CA PRO A 474 -22.00 -2.38 -25.19
C PRO A 474 -21.97 -1.16 -24.28
N LEU A 475 -23.06 -0.98 -23.53
CA LEU A 475 -23.23 0.17 -22.65
C LEU A 475 -22.95 -0.30 -21.22
N THR A 476 -21.82 0.15 -20.67
CA THR A 476 -21.37 -0.33 -19.37
C THR A 476 -22.33 0.11 -18.26
N ILE A 477 -22.61 -0.81 -17.34
CA ILE A 477 -23.44 -0.52 -16.18
C ILE A 477 -22.62 0.26 -15.18
N THR A 478 -23.07 1.47 -14.84
CA THR A 478 -22.39 2.33 -13.87
C THR A 478 -23.42 2.97 -12.96
N LEU A 479 -22.92 3.52 -11.85
CA LEU A 479 -23.80 4.18 -10.88
C LEU A 479 -24.50 5.38 -11.48
N VAL A 480 -23.77 6.20 -12.24
CA VAL A 480 -24.33 7.45 -12.75
C VAL A 480 -25.47 7.19 -13.71
N ARG A 481 -25.28 6.24 -14.64
CA ARG A 481 -26.29 5.98 -15.65
C ARG A 481 -27.51 5.29 -15.06
N GLU A 482 -27.31 4.36 -14.13
CA GLU A 482 -28.43 3.65 -13.51
C GLU A 482 -29.37 4.60 -12.78
N GLU A 483 -28.89 5.78 -12.38
CA GLU A 483 -29.76 6.75 -11.71
C GLU A 483 -30.82 7.32 -12.64
N VAL A 484 -30.62 7.24 -13.96
CA VAL A 484 -31.52 7.89 -14.91
C VAL A 484 -32.17 6.87 -15.83
N ILE A 485 -31.46 5.76 -16.09
CA ILE A 485 -31.96 4.72 -16.99
C ILE A 485 -31.85 3.38 -16.28
N ASP A 486 -32.62 2.41 -16.79
CA ASP A 486 -32.71 1.08 -16.20
C ASP A 486 -31.90 0.10 -17.05
N PHE A 487 -30.96 -0.58 -16.41
CA PHE A 487 -30.14 -1.59 -17.07
C PHE A 487 -30.65 -2.98 -16.77
N SER A 488 -30.59 -3.86 -17.77
CA SER A 488 -30.89 -5.26 -17.55
C SER A 488 -29.69 -5.94 -16.92
N LYS A 489 -29.84 -7.23 -16.60
CA LYS A 489 -28.72 -7.97 -16.05
C LYS A 489 -27.62 -8.10 -17.10
N PRO A 490 -26.35 -8.08 -16.70
CA PRO A 490 -25.26 -8.05 -17.69
C PRO A 490 -25.25 -9.29 -18.55
N PHE A 491 -25.20 -9.08 -19.87
CA PHE A 491 -25.08 -10.16 -20.83
C PHE A 491 -23.62 -10.44 -21.21
N MET A 492 -22.68 -9.67 -20.67
CA MET A 492 -21.26 -9.87 -20.97
C MET A 492 -20.44 -9.23 -19.87
N SER A 493 -19.70 -10.03 -19.12
CA SER A 493 -18.85 -9.53 -18.05
C SER A 493 -17.46 -9.22 -18.59
N LEU A 494 -16.87 -8.13 -18.09
CA LEU A 494 -15.56 -7.68 -18.57
C LEU A 494 -14.80 -7.06 -17.40
N GLY A 495 -13.63 -6.53 -17.72
CA GLY A 495 -12.79 -5.88 -16.72
C GLY A 495 -11.54 -5.33 -17.36
N ILE A 496 -10.75 -4.66 -16.54
CA ILE A 496 -9.49 -4.07 -17.03
C ILE A 496 -8.43 -5.15 -17.09
N SER A 497 -7.77 -5.27 -18.23
CA SER A 497 -6.78 -6.30 -18.47
C SER A 497 -5.52 -5.69 -19.08
N ILE A 498 -4.49 -6.51 -19.22
CA ILE A 498 -3.18 -6.07 -19.72
C ILE A 498 -2.95 -6.70 -21.08
N MET A 499 -2.56 -5.87 -22.05
CA MET A 499 -2.22 -6.32 -23.39
C MET A 499 -0.74 -6.05 -23.65
N ILE A 500 -0.01 -7.09 -24.03
CA ILE A 500 1.41 -6.98 -24.35
C ILE A 500 1.65 -7.62 -25.70
N LYS A 501 2.67 -7.13 -26.41
CA LYS A 501 3.04 -7.70 -27.69
C LYS A 501 3.47 -9.15 -27.53
N LYS A 502 3.02 -10.01 -28.43
CA LYS A 502 3.38 -11.42 -28.39
C LYS A 502 4.84 -11.60 -28.77
N PRO A 503 5.67 -12.23 -27.92
CA PRO A 503 7.09 -12.43 -28.22
C PRO A 503 7.32 -13.46 -29.33
N VAL A 622 19.60 -18.56 -16.24
CA VAL A 622 19.27 -17.15 -16.45
C VAL A 622 18.18 -17.05 -17.53
N GLU A 623 18.08 -18.09 -18.36
CA GLU A 623 17.06 -18.15 -19.40
C GLU A 623 15.77 -18.82 -18.95
N ARG A 624 15.86 -19.76 -18.00
CA ARG A 624 14.66 -20.38 -17.43
C ARG A 624 14.12 -19.61 -16.24
N MET A 625 14.83 -18.59 -15.76
CA MET A 625 14.38 -17.80 -14.62
C MET A 625 13.49 -16.64 -15.02
N VAL A 626 13.47 -16.25 -16.29
CA VAL A 626 12.61 -15.16 -16.74
C VAL A 626 11.15 -15.60 -16.65
N SER A 627 10.27 -14.64 -16.36
CA SER A 627 8.85 -14.93 -16.19
C SER A 627 8.03 -13.85 -16.89
N PRO A 628 7.12 -14.21 -17.78
CA PRO A 628 6.25 -13.21 -18.41
C PRO A 628 5.29 -12.62 -17.39
N ILE A 629 4.87 -11.38 -17.65
CA ILE A 629 3.92 -10.71 -16.78
C ILE A 629 2.58 -11.42 -16.84
N GLU A 630 2.02 -11.74 -15.68
CA GLU A 630 0.75 -12.46 -15.60
C GLU A 630 -0.18 -11.92 -14.51
N SER A 631 0.18 -10.84 -13.84
CA SER A 631 -0.66 -10.29 -12.77
C SER A 631 -0.31 -8.82 -12.59
N ALA A 632 -1.18 -8.10 -11.87
CA ALA A 632 -0.95 -6.70 -11.60
C ALA A 632 0.28 -6.49 -10.72
N GLU A 633 0.52 -7.41 -9.78
CA GLU A 633 1.68 -7.27 -8.90
C GLU A 633 2.99 -7.35 -9.69
N ASP A 634 3.06 -8.25 -10.68
CA ASP A 634 4.26 -8.36 -11.49
C ASP A 634 4.52 -7.07 -12.28
N LEU A 635 3.46 -6.47 -12.82
CA LEU A 635 3.61 -5.21 -13.54
C LEU A 635 4.00 -4.08 -12.60
N ALA A 636 3.48 -4.10 -11.37
CA ALA A 636 3.80 -3.05 -10.41
C ALA A 636 5.25 -3.13 -9.94
N LYS A 637 5.76 -4.34 -9.69
CA LYS A 637 7.10 -4.50 -9.19
C LYS A 637 8.17 -4.41 -10.28
N GLN A 638 7.78 -4.32 -11.54
CA GLN A 638 8.71 -4.29 -12.66
C GLN A 638 8.51 -3.00 -13.43
N THR A 639 9.62 -2.35 -13.80
CA THR A 639 9.56 -1.02 -14.41
C THR A 639 10.25 -0.93 -15.76
N GLU A 640 10.84 -2.01 -16.28
CA GLU A 640 11.50 -1.94 -17.58
C GLU A 640 10.50 -1.69 -18.70
N ILE A 641 9.31 -2.28 -18.59
CA ILE A 641 8.27 -2.14 -19.60
C ILE A 641 7.23 -1.16 -19.08
N ALA A 642 7.09 -0.02 -19.77
CA ALA A 642 6.12 0.98 -19.36
C ALA A 642 4.71 0.51 -19.70
N TYR A 643 3.73 1.02 -18.94
CA TYR A 643 2.34 0.72 -19.17
C TYR A 643 1.52 2.00 -19.09
N GLY A 644 0.42 2.03 -19.86
CA GLY A 644 -0.38 3.23 -19.94
C GLY A 644 -1.81 2.92 -20.31
N THR A 645 -2.68 3.92 -20.13
CA THR A 645 -4.10 3.79 -20.42
C THR A 645 -4.56 4.90 -21.35
N LEU A 646 -5.87 5.01 -21.54
CA LEU A 646 -6.42 6.10 -22.32
C LEU A 646 -6.27 7.42 -21.56
N GLU A 647 -6.15 8.52 -22.31
CA GLU A 647 -5.84 9.81 -21.68
C GLU A 647 -6.99 10.26 -20.78
N ALA A 648 -8.23 9.99 -21.18
CA ALA A 648 -9.42 10.35 -20.40
C ALA A 648 -10.43 9.22 -20.57
N GLY A 649 -10.42 8.27 -19.64
CA GLY A 649 -11.32 7.13 -19.71
C GLY A 649 -11.57 6.57 -18.33
N SER A 650 -12.43 5.54 -18.30
CA SER A 650 -12.77 4.92 -17.03
C SER A 650 -11.59 4.17 -16.42
N THR A 651 -10.66 3.71 -17.25
CA THR A 651 -9.50 2.97 -16.74
C THR A 651 -8.58 3.88 -15.94
N LYS A 652 -8.21 5.03 -16.52
CA LYS A 652 -7.37 5.98 -15.81
C LYS A 652 -8.05 6.48 -14.55
N GLU A 653 -9.35 6.76 -14.62
CA GLU A 653 -10.08 7.20 -13.43
C GLU A 653 -10.07 6.10 -12.37
N PHE A 654 -10.21 4.84 -12.79
CA PHE A 654 -10.18 3.74 -11.83
C PHE A 654 -8.85 3.65 -11.11
N PHE A 655 -7.74 3.76 -11.84
CA PHE A 655 -6.45 3.81 -11.15
C PHE A 655 -6.26 5.09 -10.35
N ARG A 656 -6.96 6.16 -10.71
CA ARG A 656 -6.86 7.40 -9.94
C ARG A 656 -7.52 7.26 -8.58
N ARG A 657 -8.73 6.72 -8.54
CA ARG A 657 -9.51 6.64 -7.32
C ARG A 657 -9.29 5.34 -6.54
N SER A 658 -8.51 4.41 -7.08
CA SER A 658 -8.36 3.11 -6.45
C SER A 658 -7.73 3.23 -5.06
N LYS A 659 -8.21 2.39 -4.15
CA LYS A 659 -7.69 2.36 -2.78
C LYS A 659 -6.77 1.18 -2.51
N ILE A 660 -6.63 0.25 -3.46
CA ILE A 660 -5.72 -0.88 -3.29
C ILE A 660 -4.28 -0.38 -3.37
N ALA A 661 -3.40 -0.96 -2.54
CA ALA A 661 -2.02 -0.51 -2.50
C ALA A 661 -1.31 -0.73 -3.84
N VAL A 662 -1.54 -1.88 -4.47
CA VAL A 662 -0.89 -2.17 -5.74
C VAL A 662 -1.33 -1.18 -6.81
N PHE A 663 -2.65 -0.94 -6.90
CA PHE A 663 -3.15 0.03 -7.87
C PHE A 663 -2.70 1.45 -7.54
N GLU A 664 -2.59 1.79 -6.25
CA GLU A 664 -2.10 3.10 -5.87
C GLU A 664 -0.66 3.30 -6.32
N LYS A 665 0.19 2.30 -6.10
CA LYS A 665 1.57 2.37 -6.55
C LYS A 665 1.65 2.45 -8.08
N MET A 666 0.78 1.70 -8.76
CA MET A 666 0.71 1.79 -10.21
C MET A 666 0.38 3.21 -10.66
N TRP A 667 -0.62 3.83 -10.01
CA TRP A 667 -1.02 5.18 -10.37
C TRP A 667 0.10 6.19 -10.12
N THR A 668 0.79 6.06 -8.98
CA THR A 668 1.93 6.94 -8.74
C THR A 668 3.01 6.74 -9.79
N TYR A 669 3.20 5.52 -10.28
CA TYR A 669 4.13 5.31 -11.38
C TYR A 669 3.66 6.03 -12.63
N MET A 670 2.36 5.97 -12.93
CA MET A 670 1.84 6.66 -14.11
C MET A 670 2.04 8.17 -14.02
N LYS A 671 1.77 8.75 -12.86
CA LYS A 671 1.77 10.20 -12.72
C LYS A 671 3.17 10.79 -12.60
N SER A 672 4.20 9.98 -12.42
CA SER A 672 5.58 10.45 -12.30
C SER A 672 6.48 9.80 -13.34
N ALA A 673 5.99 9.72 -14.58
CA ALA A 673 6.76 9.14 -15.67
C ALA A 673 6.59 9.99 -16.92
N GLU A 674 7.69 10.27 -17.61
CA GLU A 674 7.68 11.04 -18.83
C GLU A 674 8.52 10.35 -19.89
N PRO A 675 8.12 10.45 -21.18
CA PRO A 675 6.91 11.08 -21.72
C PRO A 675 5.64 10.39 -21.26
N SER A 676 4.50 11.09 -21.28
CA SER A 676 3.24 10.50 -20.84
C SER A 676 2.83 9.36 -21.75
N VAL A 677 2.68 8.17 -21.18
CA VAL A 677 2.31 7.00 -21.96
C VAL A 677 0.85 7.03 -22.36
N PHE A 678 0.06 7.93 -21.80
CA PHE A 678 -1.37 7.97 -22.07
C PHE A 678 -1.62 8.30 -23.53
N VAL A 679 -2.28 7.39 -24.25
CA VAL A 679 -2.46 7.50 -25.69
C VAL A 679 -3.84 8.09 -25.98
N ARG A 680 -3.92 8.89 -27.03
CA ARG A 680 -5.14 9.63 -27.35
C ARG A 680 -6.30 8.70 -27.69
N THR A 681 -6.06 7.65 -28.46
CA THR A 681 -7.13 6.78 -28.91
C THR A 681 -6.74 5.32 -28.75
N THR A 682 -7.75 4.44 -28.79
CA THR A 682 -7.51 3.01 -28.68
C THR A 682 -6.75 2.48 -29.90
N GLU A 683 -7.11 2.93 -31.10
CA GLU A 683 -6.41 2.49 -32.29
C GLU A 683 -4.95 2.92 -32.26
N GLU A 684 -4.69 4.18 -31.91
CA GLU A 684 -3.33 4.64 -31.75
C GLU A 684 -2.62 3.90 -30.63
N GLY A 685 -3.35 3.53 -29.57
CA GLY A 685 -2.73 2.79 -28.48
C GLY A 685 -2.25 1.42 -28.92
N MET A 686 -3.09 0.69 -29.66
CA MET A 686 -2.69 -0.62 -30.14
C MET A 686 -1.59 -0.51 -31.19
N ILE A 687 -1.62 0.53 -32.02
CA ILE A 687 -0.54 0.73 -32.99
C ILE A 687 0.78 1.00 -32.27
N ARG A 688 0.75 1.85 -31.24
CA ARG A 688 1.94 2.16 -30.48
C ARG A 688 2.47 0.93 -29.74
N VAL A 689 1.57 0.12 -29.19
CA VAL A 689 1.99 -1.12 -28.52
C VAL A 689 2.63 -2.06 -29.53
N ARG A 690 2.05 -2.18 -30.73
CA ARG A 690 2.61 -3.05 -31.75
C ARG A 690 3.99 -2.57 -32.18
N LYS A 691 4.18 -1.26 -32.33
CA LYS A 691 5.46 -0.71 -32.75
C LYS A 691 6.46 -0.58 -31.60
N SER A 692 6.02 -0.79 -30.35
CA SER A 692 6.91 -0.63 -29.22
C SER A 692 7.85 -1.81 -29.03
N LYS A 693 7.54 -2.95 -29.65
CA LYS A 693 8.38 -4.15 -29.59
C LYS A 693 8.54 -4.64 -28.14
N GLY A 694 7.42 -4.78 -27.45
CA GLY A 694 7.40 -5.35 -26.13
C GLY A 694 7.76 -4.42 -24.99
N LYS A 695 7.97 -3.13 -25.27
CA LYS A 695 8.32 -2.15 -24.25
C LYS A 695 7.12 -1.37 -23.75
N TYR A 696 5.91 -1.77 -24.14
CA TYR A 696 4.70 -1.05 -23.74
C TYR A 696 3.56 -2.04 -23.56
N ALA A 697 2.85 -1.93 -22.44
CA ALA A 697 1.65 -2.71 -22.18
C ALA A 697 0.47 -1.75 -22.04
N TYR A 698 -0.60 -2.02 -22.77
CA TYR A 698 -1.77 -1.16 -22.80
C TYR A 698 -2.88 -1.76 -21.96
N LEU A 699 -3.46 -0.95 -21.08
CA LEU A 699 -4.51 -1.39 -20.17
C LEU A 699 -5.85 -0.93 -20.72
N LEU A 700 -6.70 -1.88 -21.12
CA LEU A 700 -7.98 -1.57 -21.74
C LEU A 700 -9.00 -2.63 -21.33
N GLU A 701 -10.22 -2.48 -21.85
CA GLU A 701 -11.30 -3.41 -21.53
C GLU A 701 -10.98 -4.80 -22.06
N SER A 702 -11.48 -5.82 -21.34
CA SER A 702 -11.12 -7.20 -21.66
C SER A 702 -11.64 -7.63 -23.02
N THR A 703 -12.88 -7.26 -23.36
CA THR A 703 -13.47 -7.70 -24.62
C THR A 703 -12.70 -7.16 -25.81
N MET A 704 -12.31 -5.88 -25.76
CA MET A 704 -11.52 -5.31 -26.85
C MET A 704 -10.16 -5.99 -26.95
N ASN A 705 -9.55 -6.31 -25.82
CA ASN A 705 -8.26 -6.99 -25.85
C ASN A 705 -8.38 -8.38 -26.46
N GLU A 706 -9.47 -9.10 -26.14
CA GLU A 706 -9.68 -10.41 -26.73
C GLU A 706 -9.93 -10.32 -28.23
N TYR A 707 -10.70 -9.33 -28.68
CA TYR A 707 -10.93 -9.18 -30.12
C TYR A 707 -9.64 -8.75 -30.84
N ILE A 708 -8.87 -7.85 -30.23
CA ILE A 708 -7.61 -7.44 -30.85
C ILE A 708 -6.66 -8.63 -30.93
N GLU A 709 -6.70 -9.51 -29.93
CA GLU A 709 -5.92 -10.75 -29.98
C GLU A 709 -6.27 -11.60 -31.20
N GLN A 710 -7.53 -11.55 -31.64
CA GLN A 710 -8.00 -12.34 -32.77
C GLN A 710 -7.95 -11.57 -34.08
N ARG A 711 -7.32 -10.40 -34.10
CA ARG A 711 -7.21 -9.59 -35.30
C ARG A 711 -5.80 -9.67 -35.88
N LYS A 712 -5.70 -9.49 -37.20
CA LYS A 712 -4.41 -9.54 -37.86
C LYS A 712 -3.56 -8.34 -37.45
N PRO A 713 -2.23 -8.48 -37.49
CA PRO A 713 -1.45 -9.67 -37.86
C PRO A 713 -1.10 -10.56 -36.66
N CYS A 714 -1.92 -10.54 -35.60
CA CYS A 714 -1.76 -11.43 -34.45
C CYS A 714 -0.39 -11.26 -33.79
N ASP A 715 -0.16 -10.07 -33.24
CA ASP A 715 1.07 -9.79 -32.50
C ASP A 715 0.78 -9.16 -31.15
N THR A 716 -0.43 -9.32 -30.62
CA THR A 716 -0.79 -8.87 -29.29
C THR A 716 -1.53 -9.99 -28.57
N MET A 717 -1.40 -10.00 -27.24
CA MET A 717 -2.01 -11.03 -26.43
C MET A 717 -2.51 -10.43 -25.12
N LYS A 718 -3.45 -11.13 -24.50
CA LYS A 718 -4.05 -10.72 -23.23
C LYS A 718 -3.55 -11.63 -22.12
N VAL A 719 -3.07 -11.04 -21.02
CA VAL A 719 -2.55 -11.80 -19.89
C VAL A 719 -3.26 -11.35 -18.63
N GLY A 720 -3.23 -12.23 -17.63
CA GLY A 720 -3.76 -11.91 -16.32
C GLY A 720 -5.27 -11.84 -16.26
N GLY A 721 -5.83 -11.90 -15.05
CA GLY A 721 -7.24 -11.76 -14.86
C GLY A 721 -7.68 -10.31 -14.85
N ASN A 722 -8.99 -10.12 -14.78
CA ASN A 722 -9.56 -8.77 -14.75
C ASN A 722 -9.25 -8.10 -13.42
N LEU A 723 -8.67 -6.90 -13.49
CA LEU A 723 -8.37 -6.16 -12.27
C LEU A 723 -9.64 -5.75 -11.53
N ASP A 724 -10.67 -5.33 -12.26
CA ASP A 724 -11.95 -4.98 -11.65
C ASP A 724 -13.09 -5.76 -12.31
N SER A 725 -14.33 -5.47 -11.91
CA SER A 725 -15.50 -6.15 -12.44
C SER A 725 -16.48 -5.12 -12.99
N LYS A 726 -16.85 -5.28 -14.26
CA LYS A 726 -17.88 -4.47 -14.90
C LYS A 726 -18.80 -5.39 -15.68
N GLY A 727 -19.78 -4.79 -16.36
CA GLY A 727 -20.70 -5.57 -17.16
C GLY A 727 -21.52 -4.73 -18.12
N TYR A 728 -21.59 -5.15 -19.37
CA TYR A 728 -22.40 -4.46 -20.35
C TYR A 728 -23.88 -4.70 -20.07
N GLY A 729 -24.73 -3.82 -20.59
CA GLY A 729 -26.14 -3.94 -20.30
C GLY A 729 -26.99 -3.42 -21.45
N ILE A 730 -28.28 -3.71 -21.35
CA ILE A 730 -29.27 -3.30 -22.33
C ILE A 730 -30.21 -2.33 -21.62
N ALA A 731 -30.05 -1.04 -21.93
CA ALA A 731 -30.73 0.01 -21.19
C ALA A 731 -32.06 0.40 -21.83
N THR A 732 -32.97 0.85 -20.99
CA THR A 732 -34.27 1.36 -21.41
C THR A 732 -34.57 2.61 -20.59
N PRO A 733 -35.43 3.50 -21.10
CA PRO A 733 -35.81 4.66 -20.29
C PRO A 733 -36.50 4.25 -19.00
N LYS A 734 -36.31 5.05 -17.96
CA LYS A 734 -36.87 4.72 -16.66
C LYS A 734 -38.39 4.68 -16.74
N GLY A 735 -38.97 3.61 -16.20
CA GLY A 735 -40.41 3.41 -16.28
C GLY A 735 -40.90 2.80 -17.57
N SER A 736 -40.01 2.35 -18.44
CA SER A 736 -40.43 1.73 -19.69
C SER A 736 -41.13 0.41 -19.44
N ALA A 737 -42.10 0.09 -20.29
CA ALA A 737 -42.88 -1.13 -20.16
C ALA A 737 -42.11 -2.39 -20.56
N LEU A 738 -40.92 -2.24 -21.14
CA LEU A 738 -40.16 -3.38 -21.64
C LEU A 738 -39.02 -3.78 -20.72
N ARG A 739 -38.99 -3.28 -19.48
CA ARG A 739 -37.89 -3.63 -18.58
C ARG A 739 -37.93 -5.12 -18.23
N ASN A 740 -39.08 -5.61 -17.78
CA ASN A 740 -39.18 -7.01 -17.37
C ASN A 740 -39.00 -7.97 -18.54
N PRO A 741 -39.68 -7.78 -19.69
CA PRO A 741 -39.43 -8.71 -20.82
C PRO A 741 -37.99 -8.74 -21.27
N VAL A 742 -37.32 -7.58 -21.32
CA VAL A 742 -35.92 -7.55 -21.74
C VAL A 742 -35.04 -8.26 -20.73
N ASN A 743 -35.26 -8.01 -19.43
CA ASN A 743 -34.47 -8.66 -18.40
C ASN A 743 -34.64 -10.18 -18.47
N LEU A 744 -35.88 -10.65 -18.58
CA LEU A 744 -36.12 -12.09 -18.64
C LEU A 744 -35.53 -12.69 -19.90
N ALA A 745 -35.62 -11.98 -21.03
CA ALA A 745 -35.03 -12.48 -22.27
C ALA A 745 -33.51 -12.60 -22.14
N VAL A 746 -32.87 -11.61 -21.54
CA VAL A 746 -31.42 -11.66 -21.35
C VAL A 746 -31.06 -12.85 -20.46
N LEU A 747 -31.83 -13.08 -19.39
CA LEU A 747 -31.55 -14.22 -18.53
C LEU A 747 -31.73 -15.54 -19.28
N LYS A 748 -32.76 -15.64 -20.12
CA LYS A 748 -32.97 -16.86 -20.89
C LYS A 748 -31.81 -17.11 -21.86
N LEU A 749 -31.35 -16.06 -22.54
CA LEU A 749 -30.20 -16.24 -23.43
C LEU A 749 -28.93 -16.58 -22.65
N ASN A 750 -28.78 -16.05 -21.44
CA ASN A 750 -27.61 -16.36 -20.62
C ASN A 750 -27.61 -17.83 -20.23
N GLU A 751 -28.75 -18.35 -19.78
CA GLU A 751 -28.80 -19.74 -19.33
C GLU A 751 -28.77 -20.71 -20.50
N GLN A 752 -29.52 -20.43 -21.57
CA GLN A 752 -29.56 -21.33 -22.72
C GLN A 752 -28.24 -21.34 -23.49
N GLY A 753 -27.38 -20.36 -23.28
CA GLY A 753 -26.09 -20.31 -23.94
C GLY A 753 -26.06 -19.55 -25.25
N LEU A 754 -27.13 -18.82 -25.59
CA LEU A 754 -27.15 -18.09 -26.84
C LEU A 754 -26.16 -16.94 -26.84
N LEU A 755 -26.02 -16.23 -25.71
CA LEU A 755 -25.02 -15.17 -25.63
C LEU A 755 -23.62 -15.71 -25.77
N ASP A 756 -23.32 -16.83 -25.10
CA ASP A 756 -22.00 -17.44 -25.22
C ASP A 756 -21.78 -18.06 -26.59
N LYS A 757 -22.84 -18.29 -27.36
CA LYS A 757 -22.71 -18.74 -28.74
C LYS A 757 -22.44 -17.58 -29.69
N LEU A 758 -23.14 -16.46 -29.49
CA LEU A 758 -22.86 -15.27 -30.30
C LEU A 758 -21.46 -14.74 -30.03
N LYS A 759 -21.02 -14.79 -28.77
CA LYS A 759 -19.66 -14.38 -28.46
C LYS A 759 -18.64 -15.23 -29.20
N ASN A 760 -18.84 -16.55 -29.22
CA ASN A 760 -17.93 -17.42 -29.95
C ASN A 760 -18.01 -17.15 -31.45
N LYS A 761 -19.21 -16.91 -31.98
CA LYS A 761 -19.37 -16.65 -33.40
C LYS A 761 -18.65 -15.38 -33.83
N TRP A 762 -18.74 -14.32 -33.03
CA TRP A 762 -18.23 -13.01 -33.43
C TRP A 762 -16.86 -12.69 -32.85
N TRP A 763 -16.27 -13.59 -32.06
CA TRP A 763 -14.93 -13.39 -31.52
C TRP A 763 -13.93 -14.39 -32.06
N TYR A 764 -14.28 -15.67 -32.10
CA TYR A 764 -13.37 -16.74 -32.49
C TYR A 764 -13.74 -17.42 -33.80
N ASP A 765 -15.02 -17.71 -34.01
CA ASP A 765 -15.44 -18.39 -35.23
C ASP A 765 -15.17 -17.53 -36.45
N LYS A 766 -15.47 -16.23 -36.37
CA LYS A 766 -15.22 -15.30 -37.47
C LYS A 766 -13.92 -14.54 -37.29
N GLY A 767 -13.10 -14.91 -36.31
CA GLY A 767 -11.81 -14.28 -36.16
C GLY A 767 -10.86 -14.67 -37.27
N GLU A 768 -9.91 -13.78 -37.54
CA GLU A 768 -8.91 -13.98 -38.58
C GLU A 768 -7.67 -14.71 -38.09
N CYS A 769 -7.66 -15.15 -36.84
CA CYS A 769 -6.51 -15.78 -36.24
C CYS A 769 -6.87 -17.17 -35.71
N GLY A 770 -5.89 -18.07 -35.76
CA GLY A 770 -6.10 -19.41 -35.25
C GLY A 770 -6.04 -19.47 -33.73
N SER A 771 -6.50 -20.59 -33.19
CA SER A 771 -6.52 -20.80 -31.75
C SER A 771 -6.48 -22.28 -31.40
N ILE B 391 -5.84 31.44 14.10
CA ILE B 391 -5.47 32.85 14.20
C ILE B 391 -5.92 33.60 12.95
N GLU B 392 -5.14 33.46 11.88
CA GLU B 392 -5.40 34.09 10.59
C GLU B 392 -5.48 35.61 10.68
N ASN B 393 -4.80 36.20 11.67
CA ASN B 393 -4.83 37.65 11.83
C ASN B 393 -4.05 38.34 10.72
N ARG B 394 -2.85 37.84 10.42
CA ARG B 394 -2.00 38.44 9.40
C ARG B 394 -1.12 37.37 8.79
N THR B 395 -0.64 37.64 7.57
CA THR B 395 0.27 36.74 6.89
C THR B 395 1.69 36.94 7.40
N VAL B 396 2.37 35.84 7.71
CA VAL B 396 3.71 35.88 8.25
C VAL B 396 4.71 35.68 7.12
N VAL B 397 5.95 36.11 7.37
CA VAL B 397 7.03 35.97 6.40
C VAL B 397 7.76 34.68 6.72
N VAL B 398 7.47 33.63 5.94
CA VAL B 398 8.11 32.31 6.13
C VAL B 398 9.33 32.30 5.21
N THR B 399 10.48 32.66 5.77
CA THR B 399 11.70 32.69 4.99
C THR B 399 12.17 31.27 4.68
N THR B 400 12.72 31.08 3.48
CA THR B 400 13.19 29.78 3.05
C THR B 400 14.36 29.98 2.09
N ILE B 401 15.17 28.94 1.94
CA ILE B 401 16.35 28.95 1.09
C ILE B 401 16.06 28.14 -0.17
N MET B 402 16.46 28.67 -1.32
CA MET B 402 16.31 28.01 -2.61
C MET B 402 17.38 26.92 -2.72
N GLU B 403 17.02 25.70 -2.36
CA GLU B 403 17.95 24.58 -2.41
C GLU B 403 17.14 23.29 -2.57
N SER B 404 17.39 22.56 -3.64
CA SER B 404 16.64 21.33 -3.90
C SER B 404 17.00 20.26 -2.86
N PRO B 405 16.06 19.35 -2.57
CA PRO B 405 14.69 19.24 -3.04
C PRO B 405 13.70 19.93 -2.10
N TYR B 406 14.20 20.72 -1.16
CA TYR B 406 13.35 21.35 -0.17
C TYR B 406 12.42 22.38 -0.83
N VAL B 407 12.97 23.28 -1.62
CA VAL B 407 12.19 24.27 -2.36
C VAL B 407 12.84 24.47 -3.72
N MET B 408 12.12 24.11 -4.78
CA MET B 408 12.59 24.25 -6.15
C MET B 408 11.56 25.05 -6.95
N TYR B 409 12.02 25.58 -8.09
CA TYR B 409 11.10 26.26 -8.99
C TYR B 409 10.14 25.27 -9.62
N LYS B 410 8.84 25.54 -9.50
CA LYS B 410 7.83 24.67 -10.09
C LYS B 410 7.80 24.86 -11.60
N LYS B 411 7.35 23.82 -12.30
CA LYS B 411 7.23 23.89 -13.74
C LYS B 411 6.19 24.94 -14.14
N ASN B 412 6.53 25.77 -15.12
CA ASN B 412 5.68 26.87 -15.57
C ASN B 412 5.29 27.77 -14.40
N HIS B 413 6.30 28.15 -13.62
CA HIS B 413 6.07 28.96 -12.42
C HIS B 413 5.67 30.40 -12.74
N GLU B 414 5.81 30.84 -13.99
CA GLU B 414 5.46 32.21 -14.32
C GLU B 414 3.96 32.46 -14.23
N MET B 415 3.15 31.46 -14.58
CA MET B 415 1.69 31.63 -14.54
C MET B 415 1.12 31.45 -13.14
N PHE B 416 1.88 30.87 -12.21
CA PHE B 416 1.48 30.83 -10.82
C PHE B 416 1.93 32.09 -10.10
N GLU B 417 1.30 32.35 -8.95
CA GLU B 417 1.62 33.52 -8.15
C GLU B 417 1.70 33.13 -6.68
N GLY B 418 2.46 33.92 -5.92
CA GLY B 418 2.56 33.68 -4.49
C GLY B 418 3.34 32.41 -4.17
N ASN B 419 2.76 31.56 -3.33
CA ASN B 419 3.43 30.36 -2.86
C ASN B 419 3.40 29.23 -3.88
N ASP B 420 2.55 29.31 -4.90
CA ASP B 420 2.44 28.23 -5.88
C ASP B 420 3.65 28.14 -6.79
N LYS B 421 4.46 29.20 -6.86
CA LYS B 421 5.64 29.17 -7.72
C LYS B 421 6.69 28.19 -7.20
N TYR B 422 6.70 27.93 -5.89
CA TYR B 422 7.69 27.06 -5.28
C TYR B 422 7.03 25.78 -4.75
N GLU B 423 7.67 24.65 -5.00
CA GLU B 423 7.21 23.36 -4.49
C GLU B 423 8.40 22.58 -3.98
N GLY B 424 8.14 21.65 -3.09
CA GLY B 424 9.19 20.81 -2.53
C GLY B 424 8.81 20.30 -1.16
N TYR B 425 9.78 19.67 -0.50
CA TYR B 425 9.57 19.14 0.84
C TYR B 425 9.25 20.26 1.82
N CYS B 426 10.02 21.36 1.76
CA CYS B 426 9.81 22.45 2.70
C CYS B 426 8.51 23.20 2.42
N VAL B 427 8.11 23.32 1.15
CA VAL B 427 6.85 23.99 0.83
C VAL B 427 5.68 23.20 1.42
N ASP B 428 5.67 21.89 1.23
CA ASP B 428 4.61 21.06 1.79
C ASP B 428 4.66 21.06 3.31
N LEU B 429 5.86 21.04 3.89
CA LEU B 429 5.98 21.09 5.34
C LEU B 429 5.42 22.39 5.89
N ALA B 430 5.68 23.51 5.20
CA ALA B 430 5.09 24.78 5.57
C ALA B 430 3.58 24.73 5.46
N SER B 431 3.07 24.07 4.42
CA SER B 431 1.62 23.93 4.26
C SER B 431 1.01 23.19 5.46
N GLU B 432 1.60 22.06 5.84
CA GLU B 432 1.05 21.31 6.97
C GLU B 432 1.19 22.07 8.29
N ILE B 433 2.32 22.76 8.47
CA ILE B 433 2.51 23.54 9.70
C ILE B 433 1.48 24.65 9.79
N ALA B 434 1.26 25.37 8.69
CA ALA B 434 0.28 26.44 8.68
C ALA B 434 -1.15 25.91 8.85
N LYS B 435 -1.42 24.71 8.34
CA LYS B 435 -2.72 24.09 8.60
C LYS B 435 -2.87 23.75 10.08
N HIS B 436 -1.82 23.21 10.69
CA HIS B 436 -1.89 22.83 12.10
C HIS B 436 -2.07 24.05 13.01
N ILE B 437 -1.36 25.13 12.72
CA ILE B 437 -1.50 26.36 13.52
C ILE B 437 -2.67 27.22 13.07
N GLY B 438 -3.19 26.99 11.87
CA GLY B 438 -4.29 27.78 11.35
C GLY B 438 -3.93 29.23 11.12
N ILE B 439 -2.78 29.48 10.48
CA ILE B 439 -2.28 30.82 10.25
C ILE B 439 -1.90 30.95 8.78
N LYS B 440 -2.35 32.02 8.12
CA LYS B 440 -1.97 32.27 6.74
C LYS B 440 -0.51 32.71 6.67
N TYR B 441 0.16 32.33 5.58
CA TYR B 441 1.58 32.58 5.43
C TYR B 441 1.91 32.86 3.97
N LYS B 442 3.07 33.49 3.77
CA LYS B 442 3.61 33.72 2.44
C LYS B 442 5.09 33.37 2.43
N ILE B 443 5.52 32.65 1.39
CA ILE B 443 6.92 32.24 1.27
C ILE B 443 7.72 33.40 0.70
N ALA B 444 8.80 33.76 1.39
CA ALA B 444 9.68 34.85 0.98
C ALA B 444 11.13 34.37 1.08
N ILE B 445 11.73 34.05 -0.07
CA ILE B 445 13.10 33.57 -0.09
C ILE B 445 14.04 34.68 0.39
N VAL B 446 15.00 34.32 1.22
CA VAL B 446 15.94 35.31 1.76
C VAL B 446 16.80 35.86 0.61
N PRO B 447 16.95 37.18 0.50
CA PRO B 447 17.74 37.73 -0.61
C PRO B 447 19.20 37.31 -0.61
N ASP B 448 19.81 37.15 0.58
CA ASP B 448 21.24 36.87 0.64
C ASP B 448 21.58 35.50 0.08
N GLY B 449 20.73 34.50 0.32
CA GLY B 449 21.01 33.16 -0.15
C GLY B 449 21.92 32.34 0.74
N LYS B 450 22.09 32.74 2.01
CA LYS B 450 22.91 32.02 2.96
C LYS B 450 22.05 31.49 4.10
N TYR B 451 22.49 30.38 4.70
CA TYR B 451 21.75 29.80 5.80
C TYR B 451 21.87 30.66 7.06
N GLY B 452 23.05 31.21 7.32
CA GLY B 452 23.22 32.09 8.45
C GLY B 452 24.47 31.81 9.27
N ALA B 453 25.22 32.86 9.59
CA ALA B 453 26.44 32.75 10.38
C ALA B 453 26.84 34.14 10.87
N ARG B 454 27.39 34.19 12.08
CA ARG B 454 27.88 35.44 12.63
C ARG B 454 29.12 35.90 11.87
N ASP B 455 29.19 37.20 11.61
CA ASP B 455 30.35 37.76 10.93
C ASP B 455 31.46 38.07 11.93
N ALA B 456 32.68 38.18 11.42
CA ALA B 456 33.85 38.27 12.28
C ALA B 456 33.89 39.58 13.06
N ASP B 457 33.73 40.71 12.36
CA ASP B 457 33.99 42.01 12.95
C ASP B 457 32.73 42.82 13.25
N THR B 458 31.80 42.93 12.31
CA THR B 458 30.63 43.78 12.51
C THR B 458 29.66 43.20 13.53
N LYS B 459 29.83 41.93 13.90
CA LYS B 459 28.92 41.25 14.85
C LYS B 459 27.48 41.30 14.35
N ILE B 460 27.31 41.15 13.04
CA ILE B 460 25.99 41.18 12.41
C ILE B 460 25.64 39.77 11.97
N TRP B 461 24.34 39.50 11.89
CA TRP B 461 23.84 38.19 11.49
C TRP B 461 23.30 38.28 10.07
N ASN B 462 23.68 37.32 9.23
CA ASN B 462 23.28 37.28 7.83
C ASN B 462 22.43 36.06 7.56
N GLY B 463 21.89 35.99 6.35
CA GLY B 463 21.13 34.83 5.93
C GLY B 463 19.80 34.72 6.65
N MET B 464 19.32 33.47 6.77
CA MET B 464 18.02 33.23 7.40
C MET B 464 18.04 33.57 8.87
N VAL B 465 19.13 33.23 9.57
CA VAL B 465 19.21 33.55 11.00
C VAL B 465 19.23 35.05 11.20
N GLY B 466 19.93 35.77 10.34
CA GLY B 466 19.91 37.23 10.41
C GLY B 466 18.54 37.79 10.13
N GLU B 467 17.83 37.25 9.14
CA GLU B 467 16.49 37.73 8.83
C GLU B 467 15.53 37.48 10.00
N LEU B 468 15.67 36.33 10.65
CA LEU B 468 14.84 36.04 11.83
C LEU B 468 15.19 36.96 12.98
N VAL B 469 16.48 37.22 13.20
CA VAL B 469 16.90 38.00 14.37
C VAL B 469 16.39 39.43 14.28
N TYR B 470 16.50 40.06 13.11
CA TYR B 470 16.18 41.47 12.96
C TYR B 470 14.74 41.71 12.53
N GLY B 471 13.86 40.73 12.71
CA GLY B 471 12.44 40.94 12.57
C GLY B 471 11.89 40.95 11.16
N LYS B 472 12.70 40.66 10.15
CA LYS B 472 12.20 40.67 8.78
C LYS B 472 11.35 39.43 8.49
N ALA B 473 11.54 38.36 9.24
CA ALA B 473 10.76 37.13 9.10
C ALA B 473 10.37 36.63 10.48
N GLU B 474 9.55 35.57 10.51
CA GLU B 474 9.08 35.03 11.77
C GLU B 474 9.25 33.52 11.86
N ILE B 475 9.25 32.83 10.73
CA ILE B 475 9.40 31.38 10.71
C ILE B 475 10.32 31.01 9.56
N ALA B 476 11.24 30.07 9.81
CA ALA B 476 12.19 29.59 8.82
C ALA B 476 12.02 28.08 8.67
N ILE B 477 11.18 27.67 7.74
CA ILE B 477 10.95 26.25 7.45
C ILE B 477 11.91 25.90 6.32
N ALA B 478 13.08 25.39 6.70
CA ALA B 478 14.18 25.19 5.78
C ALA B 478 15.17 24.23 6.42
N PRO B 479 16.17 23.74 5.66
CA PRO B 479 17.18 22.87 6.31
C PRO B 479 18.21 23.67 7.10
N LEU B 480 17.75 24.25 8.21
CA LEU B 480 18.61 25.05 9.09
C LEU B 480 19.04 24.18 10.25
N THR B 481 20.32 23.81 10.26
CA THR B 481 20.84 22.86 11.25
C THR B 481 20.77 23.45 12.66
N ILE B 482 20.30 22.66 13.61
CA ILE B 482 20.25 23.06 15.00
C ILE B 482 21.68 23.09 15.53
N THR B 483 22.20 24.28 15.80
CA THR B 483 23.59 24.48 16.16
C THR B 483 23.66 25.42 17.36
N LEU B 484 24.67 25.20 18.21
CA LEU B 484 24.82 25.96 19.45
C LEU B 484 24.83 27.47 19.20
N VAL B 485 25.69 27.92 18.29
CA VAL B 485 25.81 29.36 18.06
C VAL B 485 24.55 29.92 17.40
N ARG B 486 23.77 29.08 16.73
CA ARG B 486 22.48 29.52 16.20
C ARG B 486 21.35 29.45 17.22
N GLU B 487 21.57 28.84 18.39
CA GLU B 487 20.57 28.83 19.44
C GLU B 487 20.84 29.86 20.54
N GLU B 488 21.90 30.65 20.42
CA GLU B 488 22.16 31.71 21.40
C GLU B 488 21.45 33.00 21.05
N VAL B 489 20.80 33.09 19.88
CA VAL B 489 20.13 34.31 19.48
C VAL B 489 18.67 34.04 19.15
N ILE B 490 18.36 32.80 18.74
CA ILE B 490 17.00 32.39 18.40
C ILE B 490 16.74 31.01 19.01
N ASP B 491 15.49 30.56 18.88
CA ASP B 491 15.05 29.31 19.46
C ASP B 491 14.63 28.36 18.34
N PHE B 492 15.15 27.14 18.38
CA PHE B 492 14.81 26.10 17.41
C PHE B 492 13.76 25.16 17.99
N SER B 493 13.00 24.54 17.10
CA SER B 493 12.01 23.54 17.48
C SER B 493 12.67 22.16 17.48
N LYS B 494 11.87 21.12 17.68
CA LYS B 494 12.40 19.77 17.61
C LYS B 494 12.81 19.44 16.17
N PRO B 495 13.83 18.61 16.00
CA PRO B 495 14.28 18.27 14.64
C PRO B 495 13.22 17.47 13.88
N PHE B 496 12.84 17.98 12.72
CA PHE B 496 11.88 17.29 11.86
C PHE B 496 12.56 16.28 10.93
N MET B 497 13.88 16.19 10.95
CA MET B 497 14.60 15.22 10.14
C MET B 497 16.01 15.07 10.70
N SER B 498 16.39 13.84 11.01
CA SER B 498 17.70 13.52 11.57
C SER B 498 18.67 13.16 10.45
N LEU B 499 19.91 13.62 10.59
CA LEU B 499 20.91 13.40 9.55
C LEU B 499 22.30 13.42 10.20
N GLY B 500 23.31 13.18 9.36
CA GLY B 500 24.69 13.21 9.82
C GLY B 500 25.62 13.09 8.63
N ILE B 501 26.91 13.22 8.91
CA ILE B 501 27.92 13.12 7.86
C ILE B 501 27.96 11.68 7.35
N SER B 502 27.84 11.52 6.04
CA SER B 502 27.79 10.21 5.41
C SER B 502 28.81 10.12 4.28
N ILE B 503 29.27 8.90 4.03
CA ILE B 503 30.28 8.66 3.02
C ILE B 503 29.61 8.47 1.66
N MET B 504 30.07 9.20 0.65
CA MET B 504 29.55 9.11 -0.70
C MET B 504 30.61 8.49 -1.61
N ILE B 505 30.23 7.43 -2.31
CA ILE B 505 31.11 6.75 -3.24
C ILE B 505 30.36 6.48 -4.54
N LYS B 506 31.10 6.35 -5.63
CA LYS B 506 30.51 5.95 -6.89
C LYS B 506 30.01 4.51 -6.80
N LYS B 507 28.92 4.23 -7.51
CA LYS B 507 28.35 2.90 -7.47
C LYS B 507 29.34 1.88 -8.05
N PRO B 508 29.47 0.72 -7.43
CA PRO B 508 30.35 -0.31 -8.00
C PRO B 508 29.84 -0.77 -9.36
N GLN B 509 30.77 -1.00 -10.28
CA GLN B 509 30.46 -1.35 -11.66
C GLN B 509 31.12 -2.68 -12.01
N LYS B 510 30.98 -3.07 -13.28
CA LYS B 510 31.63 -4.27 -13.80
C LYS B 510 33.09 -3.92 -14.08
N SER B 511 33.94 -4.15 -13.08
CA SER B 511 35.35 -3.81 -13.20
C SER B 511 36.01 -4.66 -14.29
N LYS B 512 36.98 -4.07 -14.96
CA LYS B 512 37.68 -4.77 -16.03
C LYS B 512 38.53 -5.89 -15.44
N PRO B 513 38.39 -7.12 -15.91
CA PRO B 513 39.17 -8.22 -15.35
C PRO B 513 40.64 -8.11 -15.72
N GLY B 514 41.49 -8.70 -14.87
CA GLY B 514 42.92 -8.67 -15.09
C GLY B 514 43.43 -9.86 -15.89
N PHE B 624 28.43 -18.75 -10.85
CA PHE B 624 29.24 -17.54 -10.69
C PHE B 624 28.76 -16.43 -11.62
N LEU B 625 28.69 -16.75 -12.92
CA LEU B 625 28.25 -15.77 -13.91
C LEU B 625 26.74 -15.64 -13.97
N THR B 626 26.00 -16.58 -13.37
CA THR B 626 24.54 -16.53 -13.42
C THR B 626 24.02 -15.32 -12.65
N VAL B 627 24.51 -15.12 -11.42
CA VAL B 627 24.14 -13.98 -10.59
C VAL B 627 25.41 -13.19 -10.29
N GLU B 628 25.30 -11.87 -10.32
CA GLU B 628 26.43 -10.98 -10.10
C GLU B 628 26.18 -10.12 -8.87
N ARG B 629 27.15 -10.11 -7.96
CA ARG B 629 27.07 -9.32 -6.73
C ARG B 629 28.07 -8.18 -6.83
N MET B 630 27.57 -6.94 -6.73
CA MET B 630 28.44 -5.77 -6.75
C MET B 630 28.96 -5.52 -5.35
N VAL B 631 30.27 -5.69 -5.16
CA VAL B 631 30.90 -5.54 -3.85
C VAL B 631 31.36 -4.10 -3.69
N SER B 632 30.91 -3.43 -2.64
CA SER B 632 31.34 -2.07 -2.38
C SER B 632 32.74 -2.07 -1.81
N PRO B 633 33.69 -1.36 -2.43
CA PRO B 633 35.08 -1.39 -1.92
C PRO B 633 35.23 -0.77 -0.54
N ILE B 634 34.30 0.09 -0.12
CA ILE B 634 34.39 0.77 1.17
C ILE B 634 33.06 0.55 1.88
N GLU B 635 33.15 0.17 3.17
CA GLU B 635 31.95 -0.16 3.94
C GLU B 635 31.64 0.82 5.06
N SER B 636 32.66 1.44 5.66
CA SER B 636 32.44 2.34 6.79
C SER B 636 33.62 3.30 6.87
N ALA B 637 33.63 4.12 7.93
CA ALA B 637 34.70 5.11 8.10
C ALA B 637 36.01 4.45 8.52
N GLU B 638 35.95 3.35 9.28
CA GLU B 638 37.17 2.67 9.69
C GLU B 638 37.94 2.14 8.49
N ASP B 639 37.22 1.51 7.55
CA ASP B 639 37.85 1.06 6.31
C ASP B 639 38.31 2.24 5.46
N LEU B 640 37.59 3.36 5.53
CA LEU B 640 38.01 4.56 4.79
C LEU B 640 39.35 5.08 5.30
N ALA B 641 39.54 5.08 6.62
CA ALA B 641 40.79 5.56 7.19
C ALA B 641 41.91 4.54 7.05
N LYS B 642 41.60 3.23 7.13
CA LYS B 642 42.64 2.22 7.08
C LYS B 642 43.32 2.16 5.72
N GLN B 643 42.55 2.26 4.65
CA GLN B 643 43.07 2.12 3.29
C GLN B 643 43.16 3.49 2.64
N THR B 644 44.29 3.74 1.96
CA THR B 644 44.62 5.05 1.44
C THR B 644 44.65 5.12 -0.08
N GLU B 645 44.30 4.02 -0.77
CA GLU B 645 44.23 4.05 -2.23
C GLU B 645 43.15 4.99 -2.74
N ILE B 646 42.15 5.30 -1.91
CA ILE B 646 41.07 6.21 -2.27
C ILE B 646 41.18 7.44 -1.37
N ALA B 647 41.21 8.62 -1.98
CA ALA B 647 41.26 9.86 -1.23
C ALA B 647 39.84 10.32 -0.91
N TYR B 648 39.67 10.83 0.31
CA TYR B 648 38.37 11.31 0.78
C TYR B 648 38.45 12.80 1.06
N GLY B 649 37.40 13.53 0.68
CA GLY B 649 37.39 14.98 0.80
C GLY B 649 36.08 15.48 1.38
N THR B 650 36.10 16.78 1.71
CA THR B 650 34.94 17.44 2.30
C THR B 650 34.86 18.85 1.69
N LEU B 651 33.93 19.65 2.20
CA LEU B 651 33.75 21.02 1.73
C LEU B 651 34.69 21.94 2.50
N ASP B 652 35.20 22.96 1.80
CA ASP B 652 36.33 23.74 2.29
C ASP B 652 36.02 24.54 3.55
N SER B 653 34.75 24.87 3.81
CA SER B 653 34.40 25.66 4.99
C SER B 653 32.97 25.32 5.38
N GLY B 654 32.82 24.50 6.41
CA GLY B 654 31.49 24.12 6.86
C GLY B 654 31.57 23.27 8.11
N SER B 655 30.39 22.80 8.53
CA SER B 655 30.33 21.94 9.71
C SER B 655 31.03 20.61 9.48
N THR B 656 31.04 20.12 8.24
CA THR B 656 31.68 18.84 7.95
C THR B 656 33.18 18.88 8.20
N LYS B 657 33.84 19.97 7.78
CA LYS B 657 35.28 20.10 8.01
C LYS B 657 35.58 20.42 9.47
N GLU B 658 34.76 21.27 10.09
CA GLU B 658 34.99 21.64 11.48
C GLU B 658 34.80 20.45 12.41
N PHE B 659 33.92 19.51 12.05
CA PHE B 659 33.76 18.30 12.84
C PHE B 659 35.05 17.49 12.89
N PHE B 660 35.73 17.35 11.74
CA PHE B 660 37.00 16.64 11.73
C PHE B 660 38.11 17.45 12.41
N ARG B 661 38.06 18.78 12.30
CA ARG B 661 39.05 19.60 12.97
C ARG B 661 38.93 19.50 14.49
N ARG B 662 37.70 19.42 15.00
CA ARG B 662 37.47 19.44 16.44
C ARG B 662 37.39 18.06 17.07
N SER B 663 37.24 17.00 16.26
CA SER B 663 37.04 15.67 16.80
C SER B 663 38.30 15.18 17.52
N LYS B 664 38.09 14.34 18.53
CA LYS B 664 39.18 13.74 19.28
C LYS B 664 39.24 12.23 19.19
N ILE B 665 38.24 11.58 18.58
CA ILE B 665 38.28 10.15 18.40
C ILE B 665 39.43 9.81 17.44
N ALA B 666 40.06 8.65 17.68
CA ALA B 666 41.27 8.29 16.94
C ALA B 666 41.01 8.19 15.44
N VAL B 667 39.90 7.58 15.04
CA VAL B 667 39.60 7.41 13.63
C VAL B 667 39.41 8.77 12.95
N TYR B 668 38.59 9.62 13.54
CA TYR B 668 38.30 10.93 12.96
C TYR B 668 39.42 11.94 13.18
N GLU B 669 40.43 11.60 13.98
CA GLU B 669 41.64 12.40 14.08
C GLU B 669 42.67 11.99 13.04
N LYS B 670 42.82 10.69 12.81
CA LYS B 670 43.68 10.21 11.72
C LYS B 670 43.14 10.65 10.37
N MET B 671 41.81 10.63 10.20
CA MET B 671 41.21 11.11 8.98
C MET B 671 41.53 12.58 8.75
N TRP B 672 41.41 13.40 9.80
CA TRP B 672 41.73 14.83 9.67
C TRP B 672 43.21 15.03 9.37
N THR B 673 44.08 14.25 10.01
CA THR B 673 45.51 14.39 9.76
C THR B 673 45.84 14.08 8.31
N TYR B 674 45.30 12.98 7.78
CA TYR B 674 45.56 12.63 6.39
C TYR B 674 44.98 13.67 5.45
N MET B 675 43.78 14.18 5.76
CA MET B 675 43.15 15.16 4.88
C MET B 675 43.90 16.48 4.89
N ARG B 676 44.50 16.87 6.02
CA ARG B 676 45.28 18.09 6.07
C ARG B 676 46.62 17.91 5.37
N SER B 677 47.23 16.73 5.50
CA SER B 677 48.52 16.47 4.86
C SER B 677 48.37 16.00 3.42
N ALA B 678 47.15 15.86 2.91
CA ALA B 678 46.94 15.35 1.56
C ALA B 678 47.43 16.34 0.52
N GLU B 679 48.04 15.81 -0.54
CA GLU B 679 48.50 16.61 -1.67
C GLU B 679 48.01 15.95 -2.96
N PRO B 680 47.39 16.71 -3.88
CA PRO B 680 47.11 18.16 -3.83
C PRO B 680 45.95 18.51 -2.91
N SER B 681 45.38 19.71 -3.06
CA SER B 681 44.27 20.12 -2.21
C SER B 681 43.08 19.19 -2.41
N VAL B 682 42.54 18.68 -1.30
CA VAL B 682 41.44 17.73 -1.35
C VAL B 682 40.09 18.39 -1.10
N PHE B 683 40.05 19.50 -0.38
CA PHE B 683 38.81 20.20 -0.13
C PHE B 683 38.25 20.79 -1.42
N THR B 684 36.94 20.68 -1.59
CA THR B 684 36.25 21.23 -2.75
C THR B 684 35.62 22.57 -2.40
N ARG B 685 35.23 23.30 -3.44
CA ARG B 685 34.63 24.62 -3.27
C ARG B 685 33.13 24.53 -2.98
N THR B 686 32.41 23.78 -3.81
CA THR B 686 30.96 23.61 -3.65
C THR B 686 30.62 22.13 -3.60
N THR B 687 29.44 21.84 -3.06
CA THR B 687 28.98 20.45 -2.97
C THR B 687 28.76 19.86 -4.36
N ALA B 688 28.20 20.64 -5.28
CA ALA B 688 28.01 20.15 -6.65
C ALA B 688 29.35 19.83 -7.30
N GLU B 689 30.35 20.68 -7.09
CA GLU B 689 31.68 20.41 -7.63
C GLU B 689 32.28 19.16 -7.01
N GLY B 690 32.05 18.95 -5.71
CA GLY B 690 32.52 17.73 -5.08
C GLY B 690 31.87 16.47 -5.63
N VAL B 691 30.57 16.54 -5.89
CA VAL B 691 29.86 15.41 -6.49
C VAL B 691 30.38 15.16 -7.90
N ALA B 692 30.63 16.22 -8.66
CA ALA B 692 31.20 16.07 -9.99
C ALA B 692 32.58 15.44 -9.94
N ARG B 693 33.39 15.84 -8.96
CA ARG B 693 34.71 15.24 -8.78
C ARG B 693 34.60 13.76 -8.43
N VAL B 694 33.65 13.40 -7.57
CA VAL B 694 33.43 12.00 -7.23
C VAL B 694 33.05 11.20 -8.47
N ARG B 695 32.14 11.75 -9.27
CA ARG B 695 31.70 11.06 -10.48
C ARG B 695 32.83 10.91 -11.50
N LYS B 696 33.65 11.94 -11.63
CA LYS B 696 34.71 11.94 -12.64
C LYS B 696 35.89 11.05 -12.24
N SER B 697 36.17 10.94 -10.93
CA SER B 697 37.34 10.22 -10.45
C SER B 697 37.25 8.71 -10.64
N LYS B 698 36.16 8.22 -11.24
CA LYS B 698 35.99 6.78 -11.52
C LYS B 698 36.08 5.95 -10.23
N GLY B 699 35.47 6.46 -9.16
CA GLY B 699 35.42 5.74 -7.90
C GLY B 699 36.65 5.84 -7.04
N LYS B 700 37.64 6.63 -7.44
CA LYS B 700 38.86 6.79 -6.66
C LYS B 700 38.77 7.90 -5.63
N PHE B 701 37.66 8.62 -5.59
CA PHE B 701 37.48 9.74 -4.65
C PHE B 701 36.14 9.58 -3.94
N ALA B 702 36.15 9.75 -2.63
CA ALA B 702 34.95 9.72 -1.81
C ALA B 702 34.73 11.10 -1.18
N PHE B 703 33.46 11.45 -1.00
CA PHE B 703 33.08 12.76 -0.49
C PHE B 703 32.25 12.59 0.77
N LEU B 704 32.50 13.45 1.75
CA LEU B 704 31.84 13.36 3.07
C LEU B 704 30.88 14.53 3.18
N LEU B 705 29.61 14.29 2.85
CA LEU B 705 28.57 15.29 2.86
C LEU B 705 27.35 14.78 3.61
N GLU B 706 26.37 15.65 3.79
CA GLU B 706 25.22 15.36 4.64
C GLU B 706 24.40 14.20 4.08
N SER B 707 23.85 13.38 4.97
CA SER B 707 23.17 12.16 4.55
C SER B 707 21.94 12.46 3.70
N THR B 708 21.18 13.50 4.06
CA THR B 708 19.96 13.81 3.30
C THR B 708 20.29 14.19 1.86
N MET B 709 21.27 15.08 1.66
CA MET B 709 21.69 15.42 0.31
C MET B 709 22.28 14.22 -0.41
N ASN B 710 22.97 13.34 0.31
CA ASN B 710 23.51 12.13 -0.31
C ASN B 710 22.39 11.26 -0.85
N GLU B 711 21.31 11.09 -0.07
CA GLU B 711 20.18 10.31 -0.55
C GLU B 711 19.46 11.01 -1.70
N TYR B 712 19.41 12.33 -1.69
CA TYR B 712 18.80 13.05 -2.81
C TYR B 712 19.62 12.87 -4.09
N ILE B 713 20.93 13.05 -4.01
CA ILE B 713 21.77 12.94 -5.19
C ILE B 713 21.80 11.50 -5.70
N GLU B 714 21.78 10.53 -4.79
CA GLU B 714 21.82 9.13 -5.18
C GLU B 714 20.64 8.74 -6.06
N GLN B 715 19.46 9.33 -5.80
CA GLN B 715 18.26 9.04 -6.58
C GLN B 715 18.10 9.97 -7.77
N ARG B 716 19.20 10.49 -8.31
CA ARG B 716 19.19 11.28 -9.53
C ARG B 716 20.03 10.58 -10.59
N LYS B 717 19.79 10.94 -11.85
CA LYS B 717 20.53 10.36 -12.95
C LYS B 717 22.00 10.77 -12.86
N PRO B 718 22.92 9.94 -13.37
CA PRO B 718 22.71 8.62 -14.00
C PRO B 718 22.87 7.44 -13.06
N CYS B 719 22.40 7.54 -11.82
CA CYS B 719 22.47 6.44 -10.84
C CYS B 719 23.92 5.98 -10.62
N ASP B 720 24.85 6.93 -10.59
CA ASP B 720 26.27 6.61 -10.44
C ASP B 720 26.82 6.98 -9.07
N THR B 721 25.96 7.30 -8.10
CA THR B 721 26.37 7.59 -6.74
C THR B 721 25.51 6.79 -5.78
N MET B 722 26.08 6.46 -4.61
CA MET B 722 25.37 5.66 -3.63
C MET B 722 25.87 6.01 -2.23
N LYS B 723 25.07 5.64 -1.23
CA LYS B 723 25.40 5.86 0.16
C LYS B 723 25.87 4.55 0.79
N VAL B 724 26.94 4.63 1.58
CA VAL B 724 27.48 3.48 2.28
C VAL B 724 27.90 3.90 3.68
N GLY B 725 27.69 3.03 4.65
CA GLY B 725 28.11 3.27 6.01
C GLY B 725 27.12 4.11 6.80
N GLY B 726 27.25 4.04 8.12
CA GLY B 726 26.40 4.80 9.01
C GLY B 726 26.86 6.25 9.14
N ASN B 727 26.00 7.05 9.77
CA ASN B 727 26.31 8.46 9.98
C ASN B 727 27.44 8.61 10.99
N LEU B 728 28.41 9.45 10.66
CA LEU B 728 29.54 9.67 11.56
C LEU B 728 29.11 10.40 12.83
N ASP B 729 28.25 11.41 12.70
CA ASP B 729 27.73 12.16 13.82
C ASP B 729 26.21 12.29 13.69
N SER B 730 25.61 12.97 14.65
CA SER B 730 24.16 13.18 14.68
C SER B 730 23.86 14.67 14.72
N LYS B 731 22.92 15.09 13.89
CA LYS B 731 22.47 16.48 13.86
C LYS B 731 20.99 16.49 13.55
N GLY B 732 20.42 17.68 13.47
CA GLY B 732 18.99 17.82 13.22
C GLY B 732 18.68 19.05 12.41
N TYR B 733 17.57 19.00 11.70
CA TYR B 733 17.05 20.13 10.94
C TYR B 733 15.84 20.69 11.67
N GLY B 734 15.83 22.00 11.90
CA GLY B 734 14.78 22.58 12.71
C GLY B 734 14.00 23.72 12.07
N VAL B 735 12.82 23.99 12.59
CA VAL B 735 11.99 25.11 12.15
C VAL B 735 12.25 26.25 13.13
N ALA B 736 13.17 27.13 12.76
CA ALA B 736 13.62 28.18 13.66
C ALA B 736 12.60 29.29 13.80
N THR B 737 12.47 29.81 15.02
CA THR B 737 11.66 30.98 15.35
C THR B 737 12.49 31.95 16.17
N PRO B 738 12.19 33.25 16.10
CA PRO B 738 12.98 34.22 16.87
C PRO B 738 12.78 34.04 18.36
N LYS B 739 13.81 34.44 19.12
CA LYS B 739 13.78 34.28 20.56
C LYS B 739 12.66 35.13 21.17
N GLY B 740 11.89 34.51 22.07
CA GLY B 740 10.80 35.18 22.74
C GLY B 740 9.51 35.26 21.95
N SER B 741 9.47 34.73 20.73
CA SER B 741 8.26 34.78 19.93
C SER B 741 7.21 33.84 20.51
N SER B 742 5.93 34.24 20.36
CA SER B 742 4.82 33.44 20.82
C SER B 742 4.54 32.24 19.92
N LEU B 743 5.18 32.16 18.76
CA LEU B 743 4.96 31.08 17.81
C LEU B 743 5.82 29.85 18.08
N ARG B 744 6.69 29.90 19.09
CA ARG B 744 7.60 28.78 19.35
C ARG B 744 6.83 27.52 19.73
N THR B 745 5.95 27.62 20.72
CA THR B 745 5.22 26.44 21.20
C THR B 745 4.30 25.84 20.15
N PRO B 746 3.44 26.61 19.45
CA PRO B 746 2.60 25.97 18.42
C PRO B 746 3.42 25.30 17.33
N VAL B 747 4.53 25.91 16.91
CA VAL B 747 5.38 25.30 15.89
C VAL B 747 5.98 24.00 16.41
N ASN B 748 6.50 24.01 17.64
CA ASN B 748 7.11 22.81 18.20
C ASN B 748 6.10 21.67 18.28
N LEU B 749 4.91 21.96 18.81
CA LEU B 749 3.88 20.93 18.89
C LEU B 749 3.41 20.45 17.52
N ALA B 750 3.35 21.36 16.54
CA ALA B 750 2.97 20.95 15.19
C ALA B 750 4.00 20.00 14.58
N VAL B 751 5.29 20.31 14.74
CA VAL B 751 6.33 19.43 14.23
C VAL B 751 6.26 18.07 14.93
N LEU B 752 6.06 18.07 16.24
CA LEU B 752 5.97 16.79 16.96
C LEU B 752 4.78 15.97 16.49
N LYS B 753 3.62 16.61 16.30
CA LYS B 753 2.45 15.90 15.83
C LYS B 753 2.65 15.35 14.42
N LEU B 754 3.28 16.14 13.55
CA LEU B 754 3.56 15.66 12.20
C LEU B 754 4.53 14.48 12.22
N SER B 755 5.55 14.55 13.08
CA SER B 755 6.50 13.45 13.18
C SER B 755 5.83 12.17 13.68
N GLU B 756 4.97 12.28 14.68
CA GLU B 756 4.30 11.09 15.18
C GLU B 756 3.30 10.53 14.18
N ALA B 757 2.60 11.42 13.45
CA ALA B 757 1.58 10.97 12.52
C ALA B 757 2.15 10.24 11.31
N GLY B 758 3.47 10.28 11.10
CA GLY B 758 4.09 9.67 9.94
C GLY B 758 4.01 10.51 8.68
N VAL B 759 3.51 11.74 8.77
CA VAL B 759 3.42 12.59 7.59
C VAL B 759 4.80 13.00 7.11
N LEU B 760 5.73 13.24 8.05
CA LEU B 760 7.09 13.61 7.68
C LEU B 760 7.78 12.50 6.90
N ASP B 761 7.62 11.25 7.35
CA ASP B 761 8.19 10.12 6.63
C ASP B 761 7.55 9.98 5.25
N LYS B 762 6.24 10.19 5.17
CA LYS B 762 5.56 10.15 3.88
C LYS B 762 6.13 11.19 2.93
N LEU B 763 6.33 12.42 3.42
CA LEU B 763 6.88 13.47 2.56
C LEU B 763 8.31 13.16 2.14
N LYS B 764 9.12 12.65 3.06
CA LYS B 764 10.49 12.29 2.71
C LYS B 764 10.51 11.21 1.64
N ASN B 765 9.67 10.18 1.79
CA ASN B 765 9.58 9.14 0.77
C ASN B 765 9.13 9.72 -0.57
N LYS B 766 8.09 10.56 -0.54
CA LYS B 766 7.53 11.11 -1.78
C LYS B 766 8.56 11.97 -2.51
N TRP B 767 9.32 12.77 -1.79
CA TRP B 767 10.25 13.69 -2.42
C TRP B 767 11.65 13.12 -2.60
N TRP B 768 11.92 11.90 -2.13
CA TRP B 768 13.20 11.24 -2.38
C TRP B 768 13.09 10.08 -3.35
N TYR B 769 12.18 9.13 -3.11
CA TYR B 769 12.09 7.90 -3.88
C TYR B 769 10.96 7.90 -4.90
N ASP B 770 9.77 8.38 -4.50
CA ASP B 770 8.63 8.36 -5.40
C ASP B 770 8.86 9.27 -6.61
N LYS B 771 9.40 10.46 -6.39
CA LYS B 771 9.70 11.39 -7.47
C LYS B 771 11.14 11.28 -7.96
N GLY B 772 11.92 10.34 -7.44
CA GLY B 772 13.27 10.16 -7.94
C GLY B 772 13.28 9.70 -9.37
N GLU B 773 14.23 10.24 -10.15
CA GLU B 773 14.35 9.91 -11.56
C GLU B 773 15.16 8.64 -11.80
N CYS B 774 15.81 8.10 -10.78
CA CYS B 774 16.76 7.01 -10.99
C CYS B 774 16.11 5.64 -10.92
N GLY B 775 15.10 5.47 -10.06
CA GLY B 775 14.42 4.20 -9.95
C GLY B 775 13.93 3.89 -8.54
N VAL C 386 20.75 30.08 42.26
CA VAL C 386 20.70 28.63 42.08
C VAL C 386 21.96 27.98 42.65
N GLN C 387 22.29 28.34 43.88
CA GLN C 387 23.48 27.81 44.55
C GLN C 387 23.09 27.48 45.99
N ASN C 388 23.94 26.69 46.65
CA ASN C 388 23.72 26.22 48.02
C ASN C 388 22.52 25.28 48.11
N ARG C 389 22.12 24.69 46.99
CA ARG C 389 20.98 23.79 46.94
C ARG C 389 21.33 22.57 46.11
N THR C 390 20.91 21.40 46.56
CA THR C 390 21.12 20.15 45.83
C THR C 390 19.81 19.75 45.17
N TYR C 391 19.90 19.36 43.89
CA TYR C 391 18.73 19.03 43.09
C TYR C 391 18.52 17.52 43.08
N ILE C 392 17.29 17.10 43.31
CA ILE C 392 16.93 15.68 43.29
C ILE C 392 16.75 15.27 41.83
N VAL C 393 17.66 14.43 41.33
CA VAL C 393 17.66 14.01 39.94
C VAL C 393 17.01 12.64 39.84
N THR C 394 16.07 12.49 38.91
CA THR C 394 15.34 11.24 38.73
C THR C 394 15.88 10.48 37.53
N THR C 395 16.00 9.17 37.67
CA THR C 395 16.46 8.30 36.60
C THR C 395 16.06 6.87 36.94
N ILE C 396 16.24 5.98 35.97
CA ILE C 396 15.75 4.60 36.04
C ILE C 396 16.90 3.65 35.80
N LEU C 397 16.79 2.43 36.36
CA LEU C 397 17.76 1.38 36.11
C LEU C 397 17.49 0.77 34.74
N GLU C 398 18.26 1.20 33.74
CA GLU C 398 18.19 0.63 32.41
C GLU C 398 19.61 0.39 31.90
N ASP C 399 19.81 -0.76 31.28
CA ASP C 399 21.18 -0.96 30.83
C ASP C 399 21.37 -0.43 29.42
N PRO C 400 22.51 0.21 29.12
CA PRO C 400 23.61 0.54 30.02
C PRO C 400 23.55 1.98 30.55
N TYR C 401 22.38 2.62 30.46
CA TYR C 401 22.27 4.02 30.87
C TYR C 401 22.56 4.19 32.36
N VAL C 402 21.87 3.43 33.20
CA VAL C 402 22.11 3.43 34.65
C VAL C 402 22.19 1.98 35.10
N MET C 403 23.33 1.60 35.68
CA MET C 403 23.53 0.26 36.20
C MET C 403 24.16 0.35 37.59
N LEU C 404 23.84 -0.63 38.42
CA LEU C 404 24.45 -0.71 39.75
C LEU C 404 25.85 -1.29 39.65
N LYS C 405 26.80 -0.67 40.33
CA LYS C 405 28.17 -1.14 40.30
C LYS C 405 28.30 -2.50 40.98
N LYS C 406 29.28 -3.29 40.51
CA LYS C 406 29.60 -4.54 41.19
C LYS C 406 30.13 -4.31 42.60
N ASN C 407 30.65 -3.11 42.87
CA ASN C 407 31.13 -2.73 44.19
C ASN C 407 30.15 -1.81 44.90
N ALA C 408 28.85 -2.07 44.73
CA ALA C 408 27.83 -1.11 45.15
C ALA C 408 27.84 -0.87 46.66
N ASN C 409 28.01 -1.93 47.46
CA ASN C 409 27.80 -1.83 48.89
C ASN C 409 29.02 -1.35 49.67
N GLN C 410 30.13 -1.03 49.01
CA GLN C 410 31.17 -0.20 49.63
C GLN C 410 31.14 1.24 49.16
N PHE C 411 30.17 1.63 48.32
CA PHE C 411 30.04 2.99 47.85
C PHE C 411 28.68 3.56 48.24
N GLU C 412 28.62 4.88 48.39
CA GLU C 412 27.41 5.57 48.81
C GLU C 412 27.20 6.81 47.95
N GLY C 413 25.96 7.29 47.92
CA GLY C 413 25.65 8.47 47.15
C GLY C 413 25.65 8.21 45.65
N ASN C 414 26.10 9.22 44.90
CA ASN C 414 26.16 9.09 43.44
C ASN C 414 27.18 8.06 42.99
N ASP C 415 28.11 7.65 43.86
CA ASP C 415 29.08 6.63 43.50
C ASP C 415 28.46 5.24 43.39
N ARG C 416 27.23 5.05 43.87
CA ARG C 416 26.58 3.75 43.76
C ARG C 416 26.29 3.38 42.31
N TYR C 417 25.84 4.36 41.52
CA TYR C 417 25.40 4.11 40.15
C TYR C 417 26.49 4.50 39.16
N GLU C 418 26.63 3.69 38.12
CA GLU C 418 27.52 3.97 37.00
C GLU C 418 26.77 3.73 35.70
N GLY C 419 27.13 4.46 34.66
CA GLY C 419 26.52 4.27 33.37
C GLY C 419 26.60 5.53 32.54
N TYR C 420 25.99 5.45 31.35
CA TYR C 420 25.99 6.58 30.43
C TYR C 420 25.28 7.79 31.03
N CYS C 421 24.10 7.58 31.61
CA CYS C 421 23.31 8.70 32.12
C CYS C 421 23.94 9.31 33.37
N VAL C 422 24.62 8.51 34.18
CA VAL C 422 25.27 9.08 35.37
C VAL C 422 26.40 10.02 34.95
N GLU C 423 27.23 9.59 33.99
CA GLU C 423 28.28 10.48 33.49
C GLU C 423 27.70 11.69 32.80
N LEU C 424 26.60 11.51 32.07
CA LEU C 424 25.92 12.64 31.44
C LEU C 424 25.44 13.65 32.49
N ALA C 425 24.86 13.15 33.58
CA ALA C 425 24.44 14.04 34.66
C ALA C 425 25.62 14.75 35.29
N ALA C 426 26.72 14.04 35.48
CA ALA C 426 27.92 14.67 36.06
C ALA C 426 28.42 15.80 35.16
N GLU C 427 28.48 15.56 33.85
CA GLU C 427 28.96 16.59 32.93
C GLU C 427 27.99 17.77 32.88
N ILE C 428 26.69 17.51 32.91
CA ILE C 428 25.70 18.59 32.89
C ILE C 428 25.78 19.42 34.16
N ALA C 429 25.95 18.76 35.31
CA ALA C 429 26.12 19.50 36.55
C ALA C 429 27.41 20.31 36.55
N LYS C 430 28.46 19.78 35.92
CA LYS C 430 29.71 20.55 35.81
C LYS C 430 29.51 21.79 34.95
N HIS C 431 28.82 21.65 33.81
CA HIS C 431 28.66 22.78 32.90
C HIS C 431 27.71 23.82 33.47
N VAL C 432 26.55 23.40 33.97
CA VAL C 432 25.58 24.35 34.52
C VAL C 432 26.09 24.93 35.83
N GLY C 433 26.70 24.10 36.68
CA GLY C 433 27.25 24.57 37.93
C GLY C 433 26.32 24.43 39.12
N TYR C 434 25.79 23.23 39.34
CA TYR C 434 24.94 22.98 40.49
C TYR C 434 25.31 21.65 41.12
N SER C 435 24.94 21.49 42.40
CA SER C 435 25.10 20.23 43.10
C SER C 435 23.83 19.40 42.96
N TYR C 436 24.00 18.09 42.81
CA TYR C 436 22.87 17.21 42.55
C TYR C 436 23.07 15.89 43.28
N ARG C 437 21.96 15.19 43.49
CA ARG C 437 21.96 13.87 44.10
C ARG C 437 21.09 12.93 43.26
N LEU C 438 21.63 11.78 42.91
CA LEU C 438 20.87 10.81 42.13
C LEU C 438 19.83 10.13 43.00
N GLU C 439 18.58 10.10 42.51
CA GLU C 439 17.48 9.44 43.20
C GLU C 439 16.67 8.66 42.18
N ILE C 440 16.56 7.36 42.39
CA ILE C 440 15.90 6.48 41.43
C ILE C 440 14.40 6.55 41.62
N VAL C 441 13.65 6.54 40.51
CA VAL C 441 12.20 6.51 40.59
C VAL C 441 11.74 5.25 41.31
N SER C 442 10.71 5.40 42.14
CA SER C 442 10.28 4.30 43.01
C SER C 442 9.68 3.15 42.21
N ASP C 443 8.76 3.45 41.29
CA ASP C 443 8.04 2.41 40.58
C ASP C 443 8.77 1.87 39.35
N GLY C 444 9.86 2.51 38.94
CA GLY C 444 10.69 2.00 37.86
C GLY C 444 9.99 1.87 36.52
N LYS C 445 9.27 2.91 36.11
CA LYS C 445 8.58 2.91 34.82
C LYS C 445 8.79 4.24 34.13
N TYR C 446 8.79 4.23 32.80
CA TYR C 446 8.71 5.47 32.05
C TYR C 446 7.28 6.01 32.10
N GLY C 447 7.17 7.33 32.08
CA GLY C 447 5.90 7.99 32.28
C GLY C 447 4.81 7.63 31.29
N ALA C 448 3.66 7.25 31.80
CA ALA C 448 2.47 6.97 31.00
C ALA C 448 1.26 7.58 31.68
N ARG C 449 0.25 7.91 30.89
CA ARG C 449 -0.95 8.58 31.39
C ARG C 449 -2.02 7.54 31.66
N ASP C 450 -2.51 7.52 32.90
CA ASP C 450 -3.57 6.59 33.26
C ASP C 450 -4.88 7.03 32.60
N PRO C 451 -5.55 6.15 31.84
CA PRO C 451 -6.75 6.58 31.12
C PRO C 451 -7.89 7.01 32.03
N ASP C 452 -7.97 6.49 33.26
CA ASP C 452 -9.12 6.74 34.12
C ASP C 452 -8.86 7.68 35.28
N THR C 453 -7.60 7.90 35.67
CA THR C 453 -7.28 8.91 36.67
C THR C 453 -6.53 10.10 36.10
N LYS C 454 -6.07 10.03 34.85
CA LYS C 454 -5.32 11.11 34.20
C LYS C 454 -4.09 11.52 35.01
N ALA C 455 -3.44 10.54 35.63
CA ALA C 455 -2.25 10.78 36.45
C ALA C 455 -1.01 10.24 35.76
N TRP C 456 0.12 10.88 36.02
CA TRP C 456 1.41 10.50 35.46
C TRP C 456 2.20 9.72 36.49
N ASN C 457 2.79 8.61 36.08
CA ASN C 457 3.61 7.77 36.93
C ASN C 457 5.06 7.80 36.46
N GLY C 458 5.93 7.14 37.23
CA GLY C 458 7.32 7.01 36.84
C GLY C 458 8.07 8.33 36.91
N MET C 459 9.11 8.44 36.07
CA MET C 459 9.95 9.64 36.07
C MET C 459 9.17 10.86 35.62
N VAL C 460 8.32 10.73 34.60
CA VAL C 460 7.51 11.85 34.15
C VAL C 460 6.56 12.29 35.25
N GLY C 461 5.93 11.32 35.94
CA GLY C 461 5.05 11.67 37.04
C GLY C 461 5.80 12.37 38.17
N GLU C 462 7.02 11.91 38.46
CA GLU C 462 7.84 12.59 39.45
C GLU C 462 8.18 14.01 39.04
N LEU C 463 8.40 14.22 37.73
CA LEU C 463 8.72 15.56 37.24
C LEU C 463 7.52 16.49 37.33
N VAL C 464 6.34 16.01 36.92
CA VAL C 464 5.16 16.87 36.85
C VAL C 464 4.76 17.36 38.23
N TYR C 465 4.78 16.47 39.22
CA TYR C 465 4.31 16.82 40.56
C TYR C 465 5.38 17.50 41.41
N GLY C 466 6.58 17.70 40.87
CA GLY C 466 7.60 18.47 41.55
C GLY C 466 8.49 17.69 42.51
N ARG C 467 8.47 16.36 42.45
CA ARG C 467 9.32 15.58 43.35
C ARG C 467 10.78 15.64 42.94
N ALA C 468 11.06 15.87 41.66
CA ALA C 468 12.43 15.86 41.15
C ALA C 468 12.60 17.01 40.16
N ASP C 469 13.86 17.37 39.91
CA ASP C 469 14.21 18.52 39.09
C ASP C 469 14.60 18.14 37.67
N VAL C 470 15.60 17.28 37.51
CA VAL C 470 16.13 16.92 36.20
C VAL C 470 16.05 15.42 36.02
N ALA C 471 15.65 14.98 34.82
CA ALA C 471 15.54 13.57 34.48
C ALA C 471 16.54 13.27 33.37
N VAL C 472 17.77 12.94 33.75
CA VAL C 472 18.79 12.54 32.80
C VAL C 472 18.70 11.03 32.60
N ALA C 473 17.82 10.61 31.72
CA ALA C 473 17.48 9.21 31.55
C ALA C 473 17.08 8.99 30.11
N PRO C 474 17.02 7.73 29.66
CA PRO C 474 16.51 7.47 28.30
C PRO C 474 15.00 7.66 28.19
N LEU C 475 14.58 8.92 28.17
CA LEU C 475 13.16 9.29 28.12
C LEU C 475 12.85 9.81 26.73
N THR C 476 12.06 9.05 25.98
CA THR C 476 11.77 9.37 24.59
C THR C 476 10.93 10.64 24.48
N ILE C 477 11.25 11.48 23.50
CA ILE C 477 10.49 12.68 23.21
C ILE C 477 9.26 12.30 22.40
N THR C 478 8.08 12.60 22.94
CA THR C 478 6.82 12.33 22.25
C THR C 478 5.88 13.51 22.42
N LEU C 479 4.79 13.49 21.65
CA LEU C 479 3.81 14.57 21.69
C LEU C 479 3.14 14.67 23.06
N VAL C 480 2.76 13.52 23.63
CA VAL C 480 1.99 13.54 24.88
C VAL C 480 2.82 14.08 26.02
N ARG C 481 4.08 13.63 26.14
CA ARG C 481 4.90 14.04 27.27
C ARG C 481 5.31 15.50 27.16
N GLU C 482 5.61 15.97 25.95
CA GLU C 482 6.04 17.35 25.75
C GLU C 482 4.96 18.35 26.15
N GLU C 483 3.69 17.95 26.13
CA GLU C 483 2.61 18.86 26.50
C GLU C 483 2.64 19.23 27.97
N VAL C 484 3.34 18.47 28.81
CA VAL C 484 3.30 18.70 30.25
C VAL C 484 4.69 19.03 30.78
N ILE C 485 5.74 18.53 30.12
CA ILE C 485 7.11 18.75 30.54
C ILE C 485 7.93 19.21 29.35
N ASP C 486 9.05 19.86 29.64
CA ASP C 486 9.91 20.45 28.63
C ASP C 486 11.11 19.54 28.39
N PHE C 487 11.31 19.14 27.14
CA PHE C 487 12.41 18.29 26.74
C PHE C 487 13.52 19.13 26.14
N SER C 488 14.77 18.78 26.43
CA SER C 488 15.91 19.39 25.78
C SER C 488 16.10 18.78 24.39
N LYS C 489 17.09 19.28 23.66
CA LYS C 489 17.38 18.71 22.35
C LYS C 489 17.87 17.27 22.51
N PRO C 490 17.53 16.38 21.58
CA PRO C 490 17.87 14.97 21.76
C PRO C 490 19.38 14.76 21.80
N PHE C 491 19.84 14.05 22.82
CA PHE C 491 21.25 13.71 22.96
C PHE C 491 21.60 12.37 22.33
N MET C 492 20.61 11.66 21.77
CA MET C 492 20.86 10.37 21.14
C MET C 492 19.69 10.05 20.22
N SER C 493 19.97 9.89 18.92
CA SER C 493 18.94 9.52 17.98
C SER C 493 18.52 8.07 18.19
N LEU C 494 17.39 7.70 17.58
CA LEU C 494 16.78 6.40 17.83
C LEU C 494 15.99 5.99 16.59
N GLY C 495 15.40 4.80 16.64
CA GLY C 495 14.58 4.31 15.55
C GLY C 495 14.25 2.86 15.76
N ILE C 496 13.29 2.39 14.95
CA ILE C 496 12.90 0.98 14.97
C ILE C 496 13.87 0.18 14.12
N SER C 497 14.43 -0.88 14.68
CA SER C 497 15.43 -1.70 14.01
C SER C 497 14.96 -3.14 13.94
N ILE C 498 15.64 -3.93 13.11
CA ILE C 498 15.33 -5.34 12.90
C ILE C 498 16.44 -6.17 13.55
N MET C 499 16.04 -7.11 14.39
CA MET C 499 16.96 -7.97 15.13
C MET C 499 16.80 -9.40 14.65
N ILE C 500 17.90 -10.02 14.20
CA ILE C 500 17.89 -11.40 13.75
C ILE C 500 19.12 -12.12 14.30
N LYS C 501 19.04 -13.44 14.33
CA LYS C 501 20.17 -14.27 14.71
C LYS C 501 21.18 -14.32 13.58
N LYS C 502 22.44 -14.09 13.91
CA LYS C 502 23.49 -14.12 12.90
C LYS C 502 23.74 -15.56 12.45
N PRO C 503 23.69 -15.84 11.14
CA PRO C 503 23.91 -17.20 10.62
C PRO C 503 25.35 -17.66 10.77
N VAL C 622 22.74 -21.83 -6.32
CA VAL C 622 21.62 -21.19 -5.62
C VAL C 622 22.11 -20.57 -4.32
N GLU C 623 23.31 -20.98 -3.89
CA GLU C 623 23.89 -20.40 -2.68
C GLU C 623 24.19 -18.92 -2.85
N ARG C 624 24.70 -18.53 -4.02
CA ARG C 624 24.96 -17.12 -4.29
C ARG C 624 23.67 -16.31 -4.39
N MET C 625 22.56 -16.97 -4.75
CA MET C 625 21.30 -16.26 -4.95
C MET C 625 20.58 -15.94 -3.65
N VAL C 626 21.05 -16.48 -2.52
CA VAL C 626 20.42 -16.17 -1.24
C VAL C 626 20.68 -14.70 -0.90
N SER C 627 19.73 -14.09 -0.19
CA SER C 627 19.80 -12.67 0.16
C SER C 627 19.35 -12.49 1.60
N PRO C 628 20.22 -12.03 2.49
CA PRO C 628 19.79 -11.76 3.87
C PRO C 628 18.87 -10.55 3.93
N ILE C 629 18.00 -10.55 4.93
CA ILE C 629 17.09 -9.43 5.13
C ILE C 629 17.87 -8.19 5.51
N GLU C 630 17.62 -7.09 4.81
CA GLU C 630 18.35 -5.85 5.04
C GLU C 630 17.47 -4.61 5.09
N SER C 631 16.15 -4.75 4.91
CA SER C 631 15.26 -3.59 4.93
C SER C 631 13.86 -4.08 5.30
N ALA C 632 12.97 -3.11 5.50
CA ALA C 632 11.59 -3.43 5.84
C ALA C 632 10.87 -4.11 4.68
N GLU C 633 11.19 -3.72 3.44
CA GLU C 633 10.55 -4.32 2.29
C GLU C 633 10.89 -5.81 2.16
N ASP C 634 12.14 -6.17 2.43
CA ASP C 634 12.54 -7.58 2.37
C ASP C 634 11.79 -8.41 3.41
N LEU C 635 11.63 -7.87 4.62
CA LEU C 635 10.88 -8.58 5.65
C LEU C 635 9.39 -8.65 5.32
N ALA C 636 8.86 -7.63 4.64
CA ALA C 636 7.44 -7.65 4.28
C ALA C 636 7.16 -8.65 3.17
N LYS C 637 8.03 -8.71 2.16
CA LYS C 637 7.79 -9.58 1.01
C LYS C 637 8.01 -11.05 1.34
N GLN C 638 8.80 -11.36 2.36
CA GLN C 638 9.15 -12.73 2.72
C GLN C 638 8.51 -13.08 4.05
N THR C 639 7.91 -14.27 4.13
CA THR C 639 7.12 -14.67 5.29
C THR C 639 7.62 -15.94 5.96
N GLU C 640 8.75 -16.49 5.51
CA GLU C 640 9.29 -17.69 6.15
C GLU C 640 9.70 -17.41 7.59
N ILE C 641 10.31 -16.26 7.85
CA ILE C 641 10.75 -15.87 9.18
C ILE C 641 9.70 -14.94 9.78
N ALA C 642 9.05 -15.39 10.85
CA ALA C 642 8.06 -14.57 11.51
C ALA C 642 8.74 -13.45 12.31
N TYR C 643 8.05 -12.31 12.42
CA TYR C 643 8.56 -11.16 13.15
C TYR C 643 7.48 -10.63 14.08
N GLY C 644 7.91 -10.14 15.25
CA GLY C 644 6.99 -9.64 16.24
C GLY C 644 7.64 -8.58 17.11
N THR C 645 6.79 -7.88 17.88
CA THR C 645 7.25 -6.81 18.75
C THR C 645 6.77 -7.04 20.18
N LEU C 646 6.93 -6.03 21.03
CA LEU C 646 6.41 -6.11 22.39
C LEU C 646 4.88 -6.13 22.37
N GLU C 647 4.30 -6.82 23.36
CA GLU C 647 2.86 -7.03 23.34
C GLU C 647 2.10 -5.72 23.48
N ALA C 648 2.63 -4.77 24.27
CA ALA C 648 2.02 -3.46 24.46
C ALA C 648 3.16 -2.45 24.57
N GLY C 649 3.51 -1.84 23.43
CA GLY C 649 4.60 -0.89 23.40
C GLY C 649 4.43 0.09 22.26
N SER C 650 5.35 1.06 22.19
CA SER C 650 5.29 2.08 21.16
C SER C 650 5.54 1.50 19.77
N THR C 651 6.29 0.39 19.69
CA THR C 651 6.61 -0.20 18.40
C THR C 651 5.36 -0.84 17.76
N LYS C 652 4.63 -1.64 18.54
CA LYS C 652 3.39 -2.23 18.05
C LYS C 652 2.38 -1.15 17.69
N GLU C 653 2.27 -0.12 18.52
CA GLU C 653 1.34 0.97 18.23
C GLU C 653 1.76 1.69 16.94
N PHE C 654 3.06 1.86 16.74
CA PHE C 654 3.56 2.50 15.52
C PHE C 654 3.16 1.70 14.29
N PHE C 655 3.35 0.38 14.32
CA PHE C 655 2.91 -0.41 13.17
C PHE C 655 1.39 -0.48 13.07
N ARG C 656 0.68 -0.26 14.18
CA ARG C 656 -0.78 -0.27 14.12
C ARG C 656 -1.32 0.98 13.43
N ARG C 657 -0.79 2.14 13.76
CA ARG C 657 -1.30 3.40 13.23
C ARG C 657 -0.61 3.85 11.94
N SER C 658 0.43 3.14 11.50
CA SER C 658 1.21 3.59 10.36
C SER C 658 0.36 3.63 9.09
N LYS C 659 0.61 4.64 8.25
CA LYS C 659 -0.10 4.79 6.99
C LYS C 659 0.73 4.36 5.78
N ILE C 660 2.01 4.04 5.98
CA ILE C 660 2.85 3.57 4.88
C ILE C 660 2.36 2.19 4.44
N ALA C 661 2.37 1.94 3.13
CA ALA C 661 1.86 0.68 2.61
C ALA C 661 2.63 -0.51 3.14
N VAL C 662 3.96 -0.42 3.19
CA VAL C 662 4.77 -1.54 3.66
C VAL C 662 4.49 -1.84 5.12
N PHE C 663 4.45 -0.79 5.95
CA PHE C 663 4.15 -0.99 7.37
C PHE C 663 2.73 -1.50 7.57
N GLU C 664 1.78 -1.03 6.76
CA GLU C 664 0.41 -1.51 6.86
C GLU C 664 0.33 -3.00 6.52
N LYS C 665 1.01 -3.42 5.45
CA LYS C 665 1.02 -4.83 5.10
C LYS C 665 1.68 -5.67 6.19
N MET C 666 2.77 -5.17 6.77
CA MET C 666 3.42 -5.87 7.87
C MET C 666 2.47 -6.00 9.05
N TRP C 667 1.73 -4.94 9.37
CA TRP C 667 0.78 -4.98 10.48
C TRP C 667 -0.32 -5.99 10.24
N THR C 668 -0.87 -6.02 9.02
CA THR C 668 -1.87 -7.04 8.70
C THR C 668 -1.27 -8.44 8.79
N TYR C 669 0.02 -8.59 8.48
CA TYR C 669 0.66 -9.89 8.67
C TYR C 669 0.70 -10.27 10.15
N MET C 670 1.05 -9.31 11.02
CA MET C 670 1.09 -9.62 12.46
C MET C 670 -0.29 -9.97 12.99
N LYS C 671 -1.31 -9.21 12.60
CA LYS C 671 -2.63 -9.39 13.18
C LYS C 671 -3.35 -10.65 12.67
N SER C 672 -2.83 -11.32 11.65
CA SER C 672 -3.44 -12.53 11.11
C SER C 672 -2.45 -13.69 11.12
N ALA C 673 -1.71 -13.83 12.23
CA ALA C 673 -0.73 -14.90 12.37
C ALA C 673 -0.83 -15.50 13.76
N GLU C 674 -0.78 -16.82 13.83
CA GLU C 674 -0.83 -17.54 15.10
C GLU C 674 0.24 -18.62 15.11
N PRO C 675 0.84 -18.91 16.28
CA PRO C 675 0.66 -18.25 17.58
C PRO C 675 1.12 -16.80 17.57
N SER C 676 0.64 -15.99 18.51
CA SER C 676 1.01 -14.58 18.56
C SER C 676 2.49 -14.43 18.86
N VAL C 677 3.23 -13.86 17.91
CA VAL C 677 4.66 -13.66 18.08
C VAL C 677 5.00 -12.57 19.09
N PHE C 678 4.02 -11.79 19.51
CA PHE C 678 4.26 -10.70 20.45
C PHE C 678 4.70 -11.26 21.80
N VAL C 679 5.73 -10.65 22.37
CA VAL C 679 6.41 -11.19 23.55
C VAL C 679 6.18 -10.24 24.72
N ARG C 680 6.01 -10.82 25.92
CA ARG C 680 5.64 -10.04 27.09
C ARG C 680 6.72 -9.04 27.49
N THR C 681 7.99 -9.42 27.40
CA THR C 681 9.07 -8.56 27.86
C THR C 681 10.27 -8.67 26.93
N THR C 682 11.15 -7.67 27.01
CA THR C 682 12.30 -7.61 26.13
C THR C 682 13.24 -8.78 26.36
N GLU C 683 13.46 -9.16 27.62
CA GLU C 683 14.34 -10.28 27.91
C GLU C 683 13.81 -11.58 27.31
N GLU C 684 12.50 -11.83 27.46
CA GLU C 684 11.91 -13.02 26.86
C GLU C 684 12.00 -12.96 25.35
N GLY C 685 11.84 -11.78 24.75
CA GLY C 685 11.97 -11.66 23.32
C GLY C 685 13.37 -11.98 22.82
N MET C 686 14.39 -11.47 23.52
CA MET C 686 15.76 -11.77 23.13
C MET C 686 16.07 -13.26 23.32
N ILE C 687 15.57 -13.85 24.40
CA ILE C 687 15.75 -15.28 24.62
C ILE C 687 15.08 -16.08 23.50
N ARG C 688 13.87 -15.67 23.11
CA ARG C 688 13.17 -16.34 22.02
C ARG C 688 13.93 -16.22 20.71
N VAL C 689 14.50 -15.04 20.44
CA VAL C 689 15.31 -14.86 19.24
C VAL C 689 16.53 -15.78 19.27
N ARG C 690 17.17 -15.89 20.45
CA ARG C 690 18.31 -16.78 20.58
C ARG C 690 17.92 -18.23 20.33
N LYS C 691 16.78 -18.67 20.86
CA LYS C 691 16.36 -20.07 20.78
C LYS C 691 15.61 -20.39 19.50
N SER C 692 15.25 -19.41 18.68
CA SER C 692 14.47 -19.66 17.48
C SER C 692 15.33 -20.13 16.31
N LYS C 693 16.65 -19.98 16.40
CA LYS C 693 17.58 -20.40 15.35
C LYS C 693 17.28 -19.73 14.02
N GLY C 694 17.06 -18.41 14.07
CA GLY C 694 16.88 -17.62 12.87
C GLY C 694 15.48 -17.63 12.28
N LYS C 695 14.51 -18.25 12.96
CA LYS C 695 13.14 -18.29 12.47
C LYS C 695 12.28 -17.17 13.05
N TYR C 696 12.86 -16.27 13.82
CA TYR C 696 12.13 -15.17 14.44
C TYR C 696 12.95 -13.91 14.40
N ALA C 697 12.32 -12.78 14.08
CA ALA C 697 12.94 -11.48 14.08
C ALA C 697 12.20 -10.57 15.07
N TYR C 698 12.95 -9.89 15.92
CA TYR C 698 12.38 -9.03 16.94
C TYR C 698 12.58 -7.58 16.53
N LEU C 699 11.51 -6.80 16.58
CA LEU C 699 11.54 -5.38 16.19
C LEU C 699 11.54 -4.54 17.47
N LEU C 700 12.70 -3.99 17.81
CA LEU C 700 12.86 -3.22 19.03
C LEU C 700 13.65 -1.95 18.72
N GLU C 701 13.78 -1.11 19.74
CA GLU C 701 14.47 0.18 19.59
C GLU C 701 15.94 -0.04 19.28
N SER C 702 16.51 0.87 18.48
CA SER C 702 17.84 0.66 17.92
C SER C 702 18.93 0.64 18.98
N THR C 703 18.82 1.48 20.02
CA THR C 703 19.87 1.52 21.04
C THR C 703 19.97 0.20 21.79
N MET C 704 18.82 -0.38 22.17
CA MET C 704 18.83 -1.67 22.86
C MET C 704 19.35 -2.77 21.94
N ASN C 705 19.00 -2.70 20.65
CA ASN C 705 19.51 -3.69 19.70
C ASN C 705 21.03 -3.60 19.58
N GLU C 706 21.56 -2.38 19.55
CA GLU C 706 23.01 -2.20 19.46
C GLU C 706 23.71 -2.68 20.73
N TYR C 707 23.15 -2.36 21.90
CA TYR C 707 23.78 -2.79 23.14
C TYR C 707 23.74 -4.31 23.30
N ILE C 708 22.60 -4.93 22.95
CA ILE C 708 22.49 -6.38 23.07
C ILE C 708 23.45 -7.07 22.11
N GLU C 709 23.67 -6.48 20.93
CA GLU C 709 24.64 -7.02 19.98
C GLU C 709 26.03 -7.13 20.60
N GLN C 710 26.36 -6.23 21.53
CA GLN C 710 27.64 -6.25 22.22
C GLN C 710 27.58 -7.03 23.53
N ARG C 711 26.63 -7.95 23.66
CA ARG C 711 26.48 -8.77 24.85
C ARG C 711 26.68 -10.24 24.50
N LYS C 712 27.16 -11.01 25.48
CA LYS C 712 27.35 -12.43 25.28
C LYS C 712 26.00 -13.13 25.10
N PRO C 713 25.96 -14.23 24.34
CA PRO C 713 27.06 -14.90 23.64
C PRO C 713 27.29 -14.38 22.22
N CYS C 714 26.73 -13.22 21.89
CA CYS C 714 26.91 -12.58 20.57
C CYS C 714 26.40 -13.47 19.45
N ASP C 715 25.11 -13.83 19.53
CA ASP C 715 24.45 -14.59 18.48
C ASP C 715 23.35 -13.79 17.79
N THR C 716 23.21 -12.50 18.11
CA THR C 716 22.24 -11.63 17.47
C THR C 716 22.94 -10.42 16.89
N MET C 717 22.34 -9.85 15.86
CA MET C 717 22.91 -8.69 15.17
C MET C 717 21.79 -7.76 14.73
N LYS C 718 22.15 -6.50 14.50
CA LYS C 718 21.24 -5.48 14.03
C LYS C 718 21.47 -5.23 12.55
N VAL C 719 20.39 -5.23 11.78
CA VAL C 719 20.47 -5.07 10.32
C VAL C 719 19.39 -4.10 9.88
N GLY C 720 19.71 -3.27 8.89
CA GLY C 720 18.76 -2.36 8.31
C GLY C 720 18.72 -1.01 9.03
N GLY C 721 18.24 -0.01 8.30
CA GLY C 721 18.10 1.32 8.85
C GLY C 721 16.90 1.46 9.77
N ASN C 722 16.82 2.62 10.40
CA ASN C 722 15.71 2.89 11.32
C ASN C 722 14.43 3.12 10.54
N LEU C 723 13.38 2.37 10.88
CA LEU C 723 12.09 2.53 10.21
C LEU C 723 11.50 3.90 10.47
N ASP C 724 11.60 4.39 11.71
CA ASP C 724 11.12 5.72 12.05
C ASP C 724 12.22 6.54 12.72
N SER C 725 11.88 7.75 13.18
CA SER C 725 12.84 8.63 13.83
C SER C 725 12.33 9.02 15.20
N LYS C 726 13.12 8.73 16.23
CA LYS C 726 12.84 9.17 17.59
C LYS C 726 14.12 9.70 18.20
N GLY C 727 13.99 10.28 19.39
CA GLY C 727 15.15 10.80 20.09
C GLY C 727 14.93 10.91 21.58
N TYR C 728 15.95 10.59 22.36
CA TYR C 728 15.84 10.70 23.81
C TYR C 728 15.87 12.18 24.21
N GLY C 729 15.82 12.42 25.51
CA GLY C 729 15.81 13.80 25.98
C GLY C 729 16.04 13.87 27.47
N ILE C 730 16.33 15.08 27.92
CA ILE C 730 16.58 15.37 29.34
C ILE C 730 15.50 16.35 29.76
N ALA C 731 14.51 15.84 30.48
CA ALA C 731 13.29 16.58 30.76
C ALA C 731 13.38 17.34 32.08
N THR C 732 12.62 18.42 32.15
CA THR C 732 12.48 19.24 33.35
C THR C 732 11.01 19.64 33.47
N PRO C 733 10.55 19.96 34.68
CA PRO C 733 9.18 20.45 34.83
C PRO C 733 8.97 21.73 34.03
N LYS C 734 7.75 21.89 33.52
CA LYS C 734 7.44 23.04 32.69
C LYS C 734 7.62 24.33 33.49
N GLY C 735 8.32 25.29 32.90
CA GLY C 735 8.63 26.53 33.58
C GLY C 735 9.85 26.49 34.48
N SER C 736 10.60 25.40 34.46
CA SER C 736 11.80 25.30 35.28
C SER C 736 12.87 26.26 34.79
N ALA C 737 13.66 26.78 35.73
CA ALA C 737 14.71 27.73 35.42
C ALA C 737 15.94 27.11 34.77
N LEU C 738 16.00 25.77 34.69
CA LEU C 738 17.17 25.08 34.16
C LEU C 738 16.99 24.58 32.74
N ARG C 739 15.93 25.01 32.04
CA ARG C 739 15.71 24.53 30.68
C ARG C 739 16.81 25.01 29.73
N ASN C 740 17.08 26.32 29.73
CA ASN C 740 18.09 26.86 28.83
C ASN C 740 19.49 26.34 29.14
N PRO C 741 19.97 26.36 30.40
CA PRO C 741 21.29 25.78 30.66
C PRO C 741 21.41 24.32 30.25
N VAL C 742 20.38 23.51 30.50
CA VAL C 742 20.44 22.10 30.12
C VAL C 742 20.47 21.94 28.61
N ASN C 743 19.64 22.71 27.90
CA ASN C 743 19.64 22.63 26.44
C ASN C 743 21.00 23.02 25.86
N LEU C 744 21.57 24.12 26.36
CA LEU C 744 22.87 24.57 25.86
C LEU C 744 23.96 23.56 26.20
N ALA C 745 23.92 22.98 27.40
CA ALA C 745 24.90 21.97 27.77
C ALA C 745 24.80 20.75 26.87
N VAL C 746 23.58 20.29 26.58
CA VAL C 746 23.40 19.16 25.70
C VAL C 746 23.94 19.47 24.31
N LEU C 747 23.69 20.68 23.81
CA LEU C 747 24.24 21.07 22.51
C LEU C 747 25.75 21.07 22.52
N LYS C 748 26.37 21.58 23.60
CA LYS C 748 27.83 21.60 23.67
C LYS C 748 28.40 20.19 23.69
N LEU C 749 27.82 19.29 24.50
CA LEU C 749 28.31 17.92 24.53
C LEU C 749 28.09 17.21 23.19
N ASN C 750 27.02 17.59 22.47
CA ASN C 750 26.79 16.99 21.15
C ASN C 750 27.83 17.46 20.14
N GLU C 751 28.16 18.75 20.15
CA GLU C 751 29.11 19.27 19.17
C GLU C 751 30.54 18.85 19.48
N GLN C 752 30.97 18.95 20.74
CA GLN C 752 32.34 18.59 21.07
C GLN C 752 32.58 17.08 21.09
N GLY C 753 31.57 16.27 20.79
CA GLY C 753 31.75 14.84 20.72
C GLY C 753 31.76 14.11 22.05
N LEU C 754 31.42 14.81 23.14
CA LEU C 754 31.39 14.14 24.44
C LEU C 754 30.27 13.11 24.51
N LEU C 755 29.10 13.41 23.93
CA LEU C 755 28.01 12.45 23.92
C LEU C 755 28.38 11.20 23.14
N ASP C 756 28.97 11.38 21.96
CA ASP C 756 29.42 10.24 21.17
C ASP C 756 30.54 9.47 21.85
N LYS C 757 31.45 10.15 22.56
CA LYS C 757 32.49 9.47 23.30
C LYS C 757 31.92 8.62 24.43
N LEU C 758 30.97 9.14 25.19
CA LEU C 758 30.33 8.33 26.23
C LEU C 758 29.57 7.17 25.63
N LYS C 759 28.86 7.39 24.52
CA LYS C 759 28.14 6.31 23.87
C LYS C 759 29.09 5.21 23.43
N ASN C 760 30.21 5.57 22.82
CA ASN C 760 31.21 4.58 22.42
C ASN C 760 31.77 3.86 23.64
N LYS C 761 32.09 4.61 24.71
CA LYS C 761 32.68 4.00 25.89
C LYS C 761 31.73 2.97 26.51
N TRP C 762 30.45 3.28 26.59
CA TRP C 762 29.50 2.40 27.26
C TRP C 762 28.82 1.42 26.32
N TRP C 763 29.09 1.47 25.02
CA TRP C 763 28.55 0.51 24.08
C TRP C 763 29.59 -0.46 23.53
N TYR C 764 30.79 0.01 23.19
CA TYR C 764 31.81 -0.82 22.56
C TYR C 764 33.06 -0.98 23.41
N ASP C 765 33.54 0.10 24.02
CA ASP C 765 34.74 0.02 24.85
C ASP C 765 34.53 -0.89 26.05
N LYS C 766 33.39 -0.77 26.72
CA LYS C 766 33.04 -1.63 27.83
C LYS C 766 32.24 -2.85 27.40
N GLY C 767 31.99 -3.02 26.11
CA GLY C 767 31.31 -4.20 25.63
C GLY C 767 32.15 -5.45 25.80
N GLU C 768 31.46 -6.57 26.03
CA GLU C 768 32.12 -7.86 26.22
C GLU C 768 32.32 -8.61 24.92
N CYS C 769 32.01 -7.99 23.78
CA CYS C 769 32.09 -8.63 22.48
C CYS C 769 33.06 -7.88 21.59
N GLY C 770 33.78 -8.63 20.76
CA GLY C 770 34.74 -8.02 19.85
C GLY C 770 34.05 -7.34 18.68
N SER C 771 34.82 -6.50 17.98
CA SER C 771 34.30 -5.77 16.83
C SER C 771 35.43 -5.44 15.85
N ILE D 391 -37.00 4.59 9.08
CA ILE D 391 -36.32 3.49 8.40
C ILE D 391 -35.23 2.91 9.30
N GLU D 392 -34.79 3.69 10.28
CA GLU D 392 -33.76 3.23 11.20
C GLU D 392 -34.34 2.64 12.46
N ASN D 393 -35.52 3.08 12.89
CA ASN D 393 -36.15 2.52 14.08
C ASN D 393 -36.54 1.06 13.87
N ARG D 394 -37.06 0.74 12.68
CA ARG D 394 -37.51 -0.62 12.40
C ARG D 394 -36.33 -1.51 12.05
N THR D 395 -36.35 -2.73 12.57
CA THR D 395 -35.31 -3.72 12.30
C THR D 395 -35.82 -4.73 11.28
N VAL D 396 -35.08 -4.89 10.18
CA VAL D 396 -35.47 -5.79 9.11
C VAL D 396 -34.83 -7.14 9.35
N VAL D 397 -35.39 -8.16 8.69
CA VAL D 397 -34.88 -9.53 8.78
C VAL D 397 -34.01 -9.78 7.56
N VAL D 398 -32.72 -9.97 7.78
CA VAL D 398 -31.77 -10.20 6.69
C VAL D 398 -31.42 -11.69 6.72
N THR D 399 -32.12 -12.46 5.90
CA THR D 399 -31.87 -13.90 5.83
C THR D 399 -30.53 -14.17 5.16
N THR D 400 -29.82 -15.18 5.67
CA THR D 400 -28.50 -15.52 5.17
C THR D 400 -28.27 -17.01 5.42
N ILE D 401 -27.30 -17.57 4.70
CA ILE D 401 -26.97 -19.00 4.79
C ILE D 401 -25.60 -19.14 5.46
N MET D 402 -25.50 -20.14 6.33
CA MET D 402 -24.25 -20.48 7.01
C MET D 402 -23.36 -21.25 6.05
N GLU D 403 -22.46 -20.55 5.37
CA GLU D 403 -21.56 -21.19 4.42
C GLU D 403 -20.31 -20.33 4.30
N SER D 404 -19.16 -20.91 4.63
CA SER D 404 -17.90 -20.18 4.63
C SER D 404 -17.50 -19.80 3.20
N PRO D 405 -16.73 -18.70 3.03
CA PRO D 405 -16.27 -17.74 4.03
C PRO D 405 -17.25 -16.59 4.19
N TYR D 406 -18.41 -16.72 3.56
CA TYR D 406 -19.40 -15.65 3.56
C TYR D 406 -19.91 -15.37 4.97
N VAL D 407 -20.34 -16.41 5.67
CA VAL D 407 -20.72 -16.29 7.08
C VAL D 407 -20.13 -17.48 7.83
N MET D 408 -19.42 -17.19 8.91
CA MET D 408 -18.84 -18.22 9.76
C MET D 408 -19.13 -17.90 11.23
N TYR D 409 -19.04 -18.93 12.06
CA TYR D 409 -19.15 -18.73 13.49
C TYR D 409 -17.90 -18.03 14.01
N LYS D 410 -18.10 -16.85 14.60
CA LYS D 410 -16.97 -16.08 15.11
C LYS D 410 -16.39 -16.77 16.35
N LYS D 411 -15.11 -16.51 16.60
CA LYS D 411 -14.45 -17.08 17.76
C LYS D 411 -15.07 -16.53 19.04
N ASN D 412 -15.33 -17.43 19.99
CA ASN D 412 -16.00 -17.10 21.24
C ASN D 412 -17.35 -16.44 20.98
N HIS D 413 -18.13 -17.02 20.07
CA HIS D 413 -19.43 -16.47 19.68
C HIS D 413 -20.46 -16.57 20.78
N GLU D 414 -20.23 -17.38 21.82
CA GLU D 414 -21.22 -17.53 22.88
C GLU D 414 -21.36 -16.25 23.71
N MET D 415 -20.28 -15.51 23.89
CA MET D 415 -20.34 -14.28 24.66
C MET D 415 -20.83 -13.09 23.84
N PHE D 416 -20.88 -13.21 22.51
CA PHE D 416 -21.49 -12.20 21.68
C PHE D 416 -22.99 -12.46 21.51
N GLU D 417 -23.71 -11.44 21.07
CA GLU D 417 -25.15 -11.54 20.88
C GLU D 417 -25.53 -10.85 19.58
N GLY D 418 -26.64 -11.29 19.00
CA GLY D 418 -27.15 -10.66 17.80
C GLY D 418 -26.26 -10.92 16.60
N ASN D 419 -25.90 -9.83 15.90
CA ASN D 419 -25.13 -9.95 14.66
C ASN D 419 -23.65 -10.20 14.91
N ASP D 420 -23.17 -9.99 16.14
CA ASP D 420 -21.74 -10.13 16.41
C ASP D 420 -21.28 -11.58 16.42
N LYS D 421 -22.20 -12.53 16.58
CA LYS D 421 -21.81 -13.94 16.59
C LYS D 421 -21.35 -14.42 15.22
N TYR D 422 -21.77 -13.76 14.15
CA TYR D 422 -21.42 -14.14 12.79
C TYR D 422 -20.55 -13.08 12.14
N GLU D 423 -19.52 -13.53 11.42
CA GLU D 423 -18.63 -12.65 10.67
C GLU D 423 -18.33 -13.29 9.33
N GLY D 424 -17.88 -12.46 8.40
CA GLY D 424 -17.51 -12.94 7.09
C GLY D 424 -17.73 -11.88 6.03
N TYR D 425 -17.59 -12.29 4.78
CA TYR D 425 -17.82 -11.39 3.65
C TYR D 425 -19.26 -10.88 3.64
N CYS D 426 -20.22 -11.79 3.85
CA CYS D 426 -21.62 -11.40 3.81
C CYS D 426 -22.00 -10.51 4.99
N VAL D 427 -21.41 -10.76 6.16
CA VAL D 427 -21.73 -9.94 7.34
C VAL D 427 -21.28 -8.50 7.11
N ASP D 428 -20.05 -8.32 6.63
CA ASP D 428 -19.54 -6.98 6.39
C ASP D 428 -20.26 -6.32 5.21
N LEU D 429 -20.62 -7.10 4.19
CA LEU D 429 -21.41 -6.56 3.09
C LEU D 429 -22.76 -6.07 3.56
N ALA D 430 -23.40 -6.82 4.46
CA ALA D 430 -24.66 -6.38 5.05
C ALA D 430 -24.46 -5.11 5.87
N SER D 431 -23.35 -5.03 6.60
CA SER D 431 -23.06 -3.82 7.36
C SER D 431 -22.94 -2.61 6.44
N GLU D 432 -22.19 -2.75 5.34
CA GLU D 432 -22.03 -1.64 4.39
C GLU D 432 -23.35 -1.28 3.74
N ILE D 433 -24.15 -2.27 3.36
CA ILE D 433 -25.43 -1.99 2.71
C ILE D 433 -26.38 -1.28 3.69
N ALA D 434 -26.43 -1.74 4.94
CA ALA D 434 -27.26 -1.08 5.93
C ALA D 434 -26.78 0.33 6.25
N LYS D 435 -25.46 0.56 6.20
CA LYS D 435 -24.95 1.91 6.34
C LYS D 435 -25.43 2.78 5.18
N HIS D 436 -25.34 2.26 3.96
CA HIS D 436 -25.73 3.04 2.78
C HIS D 436 -27.22 3.37 2.80
N ILE D 437 -28.07 2.41 3.18
CA ILE D 437 -29.50 2.67 3.25
C ILE D 437 -29.88 3.40 4.54
N GLY D 438 -29.01 3.38 5.55
CA GLY D 438 -29.32 4.00 6.83
C GLY D 438 -30.44 3.31 7.60
N ILE D 439 -30.42 1.97 7.64
CA ILE D 439 -31.45 1.20 8.32
C ILE D 439 -30.79 0.22 9.28
N LYS D 440 -31.56 -0.22 10.27
CA LYS D 440 -31.12 -1.20 11.25
C LYS D 440 -31.57 -2.59 10.83
N TYR D 441 -30.69 -3.58 11.01
CA TYR D 441 -30.94 -4.93 10.55
C TYR D 441 -30.48 -5.93 11.58
N LYS D 442 -31.03 -7.14 11.50
CA LYS D 442 -30.62 -8.27 12.32
C LYS D 442 -30.44 -9.48 11.43
N ILE D 443 -29.33 -10.18 11.59
CA ILE D 443 -29.04 -11.36 10.78
C ILE D 443 -29.84 -12.55 11.32
N ALA D 444 -30.60 -13.19 10.44
CA ALA D 444 -31.41 -14.35 10.81
C ALA D 444 -31.14 -15.46 9.80
N ILE D 445 -30.35 -16.46 10.21
CA ILE D 445 -30.03 -17.57 9.34
C ILE D 445 -31.30 -18.37 9.04
N VAL D 446 -31.46 -18.75 7.78
CA VAL D 446 -32.66 -19.50 7.37
C VAL D 446 -32.65 -20.87 8.05
N PRO D 447 -33.75 -21.28 8.67
CA PRO D 447 -33.76 -22.60 9.36
C PRO D 447 -33.54 -23.77 8.44
N ASP D 448 -34.01 -23.71 7.20
CA ASP D 448 -33.94 -24.87 6.32
C ASP D 448 -32.51 -25.20 5.91
N GLY D 449 -31.66 -24.19 5.74
CA GLY D 449 -30.30 -24.43 5.32
C GLY D 449 -30.11 -24.60 3.83
N LYS D 450 -31.09 -24.21 3.01
CA LYS D 450 -31.02 -24.34 1.58
C LYS D 450 -31.04 -22.96 0.92
N TYR D 451 -30.40 -22.87 -0.25
CA TYR D 451 -30.35 -21.60 -0.97
C TYR D 451 -31.72 -21.22 -1.53
N GLY D 452 -32.41 -22.17 -2.15
CA GLY D 452 -33.74 -21.92 -2.65
C GLY D 452 -34.08 -22.61 -3.96
N ALA D 453 -35.25 -23.25 -4.00
CA ALA D 453 -35.74 -23.92 -5.19
C ALA D 453 -37.23 -24.17 -5.02
N ARG D 454 -37.92 -24.41 -6.13
CA ARG D 454 -39.35 -24.67 -6.13
C ARG D 454 -39.58 -26.18 -6.17
N ASP D 455 -40.44 -26.66 -5.27
CA ASP D 455 -40.73 -28.09 -5.20
C ASP D 455 -41.55 -28.52 -6.41
N ALA D 456 -41.56 -29.83 -6.65
CA ALA D 456 -42.19 -30.37 -7.85
C ALA D 456 -43.71 -30.26 -7.78
N ASP D 457 -44.32 -30.84 -6.74
CA ASP D 457 -45.77 -30.93 -6.66
C ASP D 457 -46.41 -29.90 -5.75
N THR D 458 -45.81 -29.59 -4.60
CA THR D 458 -46.45 -28.70 -3.64
C THR D 458 -46.39 -27.25 -4.07
N LYS D 459 -45.46 -26.87 -4.96
CA LYS D 459 -45.33 -25.51 -5.47
C LYS D 459 -45.07 -24.49 -4.37
N ILE D 460 -44.35 -24.89 -3.32
CA ILE D 460 -43.94 -24.00 -2.24
C ILE D 460 -42.44 -23.77 -2.35
N TRP D 461 -42.03 -22.52 -2.32
CA TRP D 461 -40.62 -22.16 -2.36
C TRP D 461 -39.98 -22.39 -1.00
N ASN D 462 -38.71 -22.81 -1.02
CA ASN D 462 -37.96 -23.07 0.20
C ASN D 462 -36.69 -22.23 0.22
N GLY D 463 -36.00 -22.27 1.36
CA GLY D 463 -34.76 -21.52 1.51
C GLY D 463 -34.99 -20.02 1.66
N MET D 464 -33.97 -19.25 1.31
CA MET D 464 -34.08 -17.80 1.38
C MET D 464 -35.11 -17.28 0.40
N VAL D 465 -35.23 -17.90 -0.78
CA VAL D 465 -36.25 -17.48 -1.72
C VAL D 465 -37.64 -17.70 -1.14
N GLY D 466 -37.84 -18.85 -0.48
CA GLY D 466 -39.11 -19.09 0.18
C GLY D 466 -39.38 -18.10 1.31
N GLU D 467 -38.34 -17.76 2.08
CA GLU D 467 -38.50 -16.78 3.14
C GLU D 467 -38.89 -15.41 2.59
N LEU D 468 -38.24 -14.99 1.50
CA LEU D 468 -38.56 -13.71 0.88
C LEU D 468 -39.97 -13.71 0.31
N VAL D 469 -40.38 -14.81 -0.32
CA VAL D 469 -41.68 -14.86 -0.97
C VAL D 469 -42.81 -14.76 0.05
N TYR D 470 -42.69 -15.49 1.16
CA TYR D 470 -43.76 -15.61 2.14
C TYR D 470 -43.59 -14.66 3.33
N GLY D 471 -42.83 -13.59 3.17
CA GLY D 471 -42.77 -12.53 4.16
C GLY D 471 -41.92 -12.80 5.37
N LYS D 472 -41.17 -13.91 5.40
CA LYS D 472 -40.31 -14.19 6.55
C LYS D 472 -39.20 -13.16 6.67
N ALA D 473 -38.60 -12.76 5.54
CA ALA D 473 -37.50 -11.81 5.53
C ALA D 473 -37.79 -10.74 4.48
N GLU D 474 -36.86 -9.79 4.37
CA GLU D 474 -37.01 -8.69 3.42
C GLU D 474 -35.75 -8.50 2.57
N ILE D 475 -34.61 -8.90 3.09
CA ILE D 475 -33.34 -8.77 2.39
C ILE D 475 -32.56 -10.06 2.58
N ALA D 476 -31.87 -10.49 1.52
CA ALA D 476 -31.21 -11.79 1.47
C ALA D 476 -29.76 -11.63 1.05
N ILE D 477 -29.00 -10.83 1.80
CA ILE D 477 -27.59 -10.64 1.48
C ILE D 477 -26.87 -11.95 1.77
N ALA D 478 -26.49 -12.65 0.70
CA ALA D 478 -25.92 -13.98 0.74
C ALA D 478 -25.58 -14.38 -0.70
N PRO D 479 -24.76 -15.41 -0.92
CA PRO D 479 -24.53 -15.85 -2.30
C PRO D 479 -25.76 -16.54 -2.86
N LEU D 480 -26.48 -15.85 -3.74
CA LEU D 480 -27.70 -16.36 -4.35
C LEU D 480 -27.63 -16.07 -5.84
N THR D 481 -27.33 -17.10 -6.63
CA THR D 481 -27.11 -16.94 -8.06
C THR D 481 -28.34 -16.34 -8.74
N ILE D 482 -28.12 -15.35 -9.60
CA ILE D 482 -29.19 -14.72 -10.35
C ILE D 482 -29.65 -15.68 -11.42
N THR D 483 -30.76 -16.37 -11.17
CA THR D 483 -31.28 -17.41 -12.05
C THR D 483 -32.66 -17.03 -12.54
N LEU D 484 -32.97 -17.42 -13.78
CA LEU D 484 -34.26 -17.09 -14.38
C LEU D 484 -35.42 -17.54 -13.51
N VAL D 485 -35.40 -18.80 -13.06
CA VAL D 485 -36.51 -19.32 -12.27
C VAL D 485 -36.61 -18.64 -10.92
N ARG D 486 -35.50 -18.15 -10.37
CA ARG D 486 -35.56 -17.34 -9.15
C ARG D 486 -36.03 -15.92 -9.45
N GLU D 487 -35.79 -15.43 -10.67
CA GLU D 487 -36.15 -14.07 -11.04
C GLU D 487 -37.63 -13.90 -11.30
N GLU D 488 -38.32 -14.96 -11.69
CA GLU D 488 -39.73 -14.83 -12.05
C GLU D 488 -40.63 -14.52 -10.86
N VAL D 489 -40.14 -14.68 -9.63
CA VAL D 489 -40.99 -14.52 -8.46
C VAL D 489 -40.46 -13.40 -7.56
N ILE D 490 -39.15 -13.18 -7.57
CA ILE D 490 -38.53 -12.14 -6.77
C ILE D 490 -37.58 -11.33 -7.66
N ASP D 491 -37.21 -10.16 -7.16
CA ASP D 491 -36.38 -9.22 -7.90
C ASP D 491 -34.96 -9.24 -7.35
N PHE D 492 -33.98 -9.38 -8.25
CA PHE D 492 -32.58 -9.42 -7.89
C PHE D 492 -31.91 -8.09 -8.22
N SER D 493 -30.90 -7.74 -7.42
CA SER D 493 -30.10 -6.55 -7.68
C SER D 493 -28.97 -6.91 -8.65
N LYS D 494 -28.08 -5.94 -8.90
CA LYS D 494 -26.94 -6.20 -9.75
C LYS D 494 -25.97 -7.14 -9.05
N PRO D 495 -25.23 -7.95 -9.82
CA PRO D 495 -24.29 -8.89 -9.20
C PRO D 495 -23.16 -8.16 -8.48
N PHE D 496 -22.98 -8.47 -7.20
CA PHE D 496 -21.89 -7.90 -6.43
C PHE D 496 -20.60 -8.68 -6.55
N MET D 497 -20.62 -9.83 -7.22
CA MET D 497 -19.40 -10.59 -7.47
C MET D 497 -19.67 -11.57 -8.61
N SER D 498 -18.83 -11.51 -9.64
CA SER D 498 -19.00 -12.35 -10.81
C SER D 498 -18.23 -13.65 -10.63
N LEU D 499 -18.82 -14.75 -11.09
CA LEU D 499 -18.23 -16.07 -10.94
C LEU D 499 -18.64 -16.94 -12.12
N GLY D 500 -18.11 -18.16 -12.14
CA GLY D 500 -18.45 -19.12 -13.18
C GLY D 500 -17.84 -20.46 -12.86
N ILE D 501 -18.21 -21.45 -13.66
CA ILE D 501 -17.70 -22.81 -13.47
C ILE D 501 -16.21 -22.83 -13.78
N SER D 502 -15.42 -23.37 -12.85
CA SER D 502 -13.98 -23.39 -12.96
C SER D 502 -13.46 -24.79 -12.71
N ILE D 503 -12.29 -25.09 -13.27
CA ILE D 503 -11.68 -26.41 -13.15
C ILE D 503 -10.76 -26.42 -11.95
N MET D 504 -10.91 -27.43 -11.10
CA MET D 504 -10.09 -27.60 -9.91
C MET D 504 -9.19 -28.82 -10.08
N ILE D 505 -7.89 -28.63 -9.85
CA ILE D 505 -6.92 -29.70 -9.95
C ILE D 505 -6.00 -29.64 -8.73
N LYS D 506 -5.40 -30.79 -8.42
CA LYS D 506 -4.40 -30.83 -7.37
C LYS D 506 -3.17 -30.03 -7.77
N LYS D 507 -2.53 -29.42 -6.79
CA LYS D 507 -1.37 -28.59 -7.06
C LYS D 507 -0.26 -29.45 -7.67
N PRO D 508 0.40 -28.97 -8.73
CA PRO D 508 1.49 -29.74 -9.33
C PRO D 508 2.62 -29.93 -8.33
N GLN D 509 3.23 -31.12 -8.37
CA GLN D 509 4.23 -31.52 -7.40
C GLN D 509 5.37 -32.23 -8.13
N LYS D 510 6.53 -32.28 -7.47
CA LYS D 510 7.67 -32.98 -8.02
C LYS D 510 7.36 -34.46 -8.16
N SER D 511 7.34 -34.95 -9.40
CA SER D 511 7.00 -36.33 -9.69
C SER D 511 8.26 -37.17 -9.79
N LYS D 512 8.21 -38.36 -9.20
CA LYS D 512 9.35 -39.27 -9.26
C LYS D 512 9.50 -39.83 -10.67
N PRO D 513 10.66 -39.67 -11.32
CA PRO D 513 10.89 -40.16 -12.68
C PRO D 513 10.96 -41.68 -12.74
N PHE D 624 19.06 -26.22 -15.07
CA PHE D 624 17.87 -27.08 -15.01
C PHE D 624 17.43 -27.32 -13.58
N LEU D 625 18.35 -27.79 -12.74
CA LEU D 625 18.02 -28.05 -11.34
C LEU D 625 18.04 -26.80 -10.49
N THR D 626 18.65 -25.70 -10.98
CA THR D 626 18.72 -24.48 -10.21
C THR D 626 17.34 -23.88 -9.98
N VAL D 627 16.55 -23.77 -11.05
CA VAL D 627 15.18 -23.26 -10.98
C VAL D 627 14.23 -24.37 -11.40
N GLU D 628 13.12 -24.50 -10.70
CA GLU D 628 12.14 -25.55 -10.95
C GLU D 628 10.82 -24.92 -11.37
N ARG D 629 10.28 -25.36 -12.50
CA ARG D 629 9.01 -24.88 -13.01
C ARG D 629 7.99 -26.01 -12.94
N MET D 630 6.89 -25.78 -12.25
CA MET D 630 5.84 -26.78 -12.12
C MET D 630 4.89 -26.65 -13.32
N VAL D 631 4.81 -27.71 -14.12
CA VAL D 631 3.99 -27.71 -15.32
C VAL D 631 2.64 -28.31 -14.99
N SER D 632 1.58 -27.54 -15.19
CA SER D 632 0.23 -28.03 -14.96
C SER D 632 -0.22 -28.92 -16.11
N PRO D 633 -0.67 -30.15 -15.84
CA PRO D 633 -1.09 -31.02 -16.94
C PRO D 633 -2.29 -30.51 -17.71
N ILE D 634 -3.09 -29.62 -17.12
CA ILE D 634 -4.27 -29.07 -17.75
C ILE D 634 -4.12 -27.55 -17.80
N GLU D 635 -4.48 -26.96 -18.95
CA GLU D 635 -4.43 -25.51 -19.12
C GLU D 635 -5.79 -24.86 -19.29
N SER D 636 -6.79 -25.57 -19.80
CA SER D 636 -8.12 -25.03 -20.01
C SER D 636 -9.10 -26.19 -20.15
N ALA D 637 -10.33 -25.87 -20.55
CA ALA D 637 -11.35 -26.91 -20.71
C ALA D 637 -11.11 -27.74 -21.97
N GLU D 638 -10.58 -27.12 -23.03
CA GLU D 638 -10.33 -27.85 -24.26
C GLU D 638 -9.31 -28.95 -24.06
N ASP D 639 -8.22 -28.64 -23.34
CA ASP D 639 -7.21 -29.66 -23.05
C ASP D 639 -7.77 -30.73 -22.11
N LEU D 640 -8.64 -30.34 -21.18
CA LEU D 640 -9.27 -31.31 -20.29
C LEU D 640 -10.13 -32.29 -21.06
N ALA D 641 -10.88 -31.79 -22.04
CA ALA D 641 -11.77 -32.65 -22.82
C ALA D 641 -11.02 -33.48 -23.85
N LYS D 642 -9.94 -32.94 -24.42
CA LYS D 642 -9.24 -33.65 -25.50
C LYS D 642 -8.60 -34.94 -24.99
N GLN D 643 -7.96 -34.89 -23.82
CA GLN D 643 -7.24 -36.04 -23.28
C GLN D 643 -8.03 -36.59 -22.10
N THR D 644 -8.25 -37.90 -22.10
CA THR D 644 -9.21 -38.54 -21.20
C THR D 644 -8.56 -39.45 -20.17
N GLU D 645 -7.24 -39.41 -20.02
CA GLU D 645 -6.57 -40.20 -18.99
C GLU D 645 -6.95 -39.73 -17.59
N ILE D 646 -7.43 -38.51 -17.44
CA ILE D 646 -7.86 -37.96 -16.15
C ILE D 646 -9.38 -37.96 -16.11
N ALA D 647 -9.93 -38.17 -14.92
CA ALA D 647 -11.37 -38.15 -14.70
C ALA D 647 -11.78 -36.80 -14.13
N TYR D 648 -12.97 -36.34 -14.51
CA TYR D 648 -13.50 -35.08 -14.05
C TYR D 648 -15.00 -35.19 -13.85
N GLY D 649 -15.50 -34.53 -12.81
CA GLY D 649 -16.91 -34.58 -12.50
C GLY D 649 -17.34 -33.38 -11.68
N THR D 650 -18.64 -33.34 -11.40
CA THR D 650 -19.24 -32.26 -10.62
C THR D 650 -20.22 -32.87 -9.63
N LEU D 651 -20.77 -32.01 -8.77
CA LEU D 651 -21.74 -32.46 -7.78
C LEU D 651 -23.01 -32.94 -8.48
N ASP D 652 -23.71 -33.89 -7.85
CA ASP D 652 -24.77 -34.66 -8.48
C ASP D 652 -26.01 -33.84 -8.86
N SER D 653 -26.02 -32.54 -8.60
CA SER D 653 -27.16 -31.70 -8.94
C SER D 653 -26.66 -30.27 -9.04
N GLY D 654 -27.58 -29.31 -9.07
CA GLY D 654 -27.24 -27.91 -9.09
C GLY D 654 -27.14 -27.35 -10.49
N SER D 655 -26.45 -26.21 -10.57
CA SER D 655 -26.33 -25.49 -11.84
C SER D 655 -25.35 -26.13 -12.79
N THR D 656 -24.27 -26.75 -12.28
CA THR D 656 -23.23 -27.27 -13.14
C THR D 656 -23.71 -28.47 -13.96
N LYS D 657 -24.38 -29.42 -13.30
CA LYS D 657 -24.87 -30.60 -14.00
C LYS D 657 -25.90 -30.23 -15.07
N GLU D 658 -26.81 -29.32 -14.73
CA GLU D 658 -27.81 -28.89 -15.71
C GLU D 658 -27.16 -28.11 -16.85
N PHE D 659 -26.13 -27.31 -16.54
CA PHE D 659 -25.43 -26.58 -17.58
C PHE D 659 -24.76 -27.52 -18.56
N PHE D 660 -24.12 -28.58 -18.05
CA PHE D 660 -23.52 -29.56 -18.95
C PHE D 660 -24.59 -30.35 -19.71
N ARG D 661 -25.73 -30.60 -19.09
CA ARG D 661 -26.83 -31.28 -19.78
C ARG D 661 -27.47 -30.42 -20.85
N ARG D 662 -27.34 -29.09 -20.75
CA ARG D 662 -28.04 -28.17 -21.63
C ARG D 662 -27.15 -27.49 -22.67
N SER D 663 -25.83 -27.52 -22.49
CA SER D 663 -24.94 -26.80 -23.39
C SER D 663 -24.94 -27.41 -24.78
N LYS D 664 -24.80 -26.55 -25.79
CA LYS D 664 -24.81 -26.97 -27.19
C LYS D 664 -23.58 -26.47 -27.96
N ILE D 665 -22.51 -26.08 -27.27
CA ILE D 665 -21.33 -25.52 -27.91
C ILE D 665 -20.41 -26.64 -28.39
N ALA D 666 -20.87 -27.88 -28.24
CA ALA D 666 -20.25 -29.08 -28.83
C ALA D 666 -18.94 -29.46 -28.15
N VAL D 667 -18.46 -28.64 -27.22
CA VAL D 667 -17.32 -29.00 -26.39
C VAL D 667 -17.79 -29.47 -25.02
N TYR D 668 -18.60 -28.66 -24.36
CA TYR D 668 -19.25 -29.10 -23.13
C TYR D 668 -20.24 -30.21 -23.40
N GLU D 669 -20.75 -30.33 -24.63
CA GLU D 669 -21.55 -31.50 -25.00
C GLU D 669 -20.71 -32.78 -24.92
N LYS D 670 -19.48 -32.74 -25.45
CA LYS D 670 -18.59 -33.89 -25.34
C LYS D 670 -18.21 -34.14 -23.89
N MET D 671 -18.00 -33.07 -23.13
CA MET D 671 -17.71 -33.21 -21.70
C MET D 671 -18.85 -33.92 -20.98
N TRP D 672 -20.09 -33.53 -21.27
CA TRP D 672 -21.25 -34.18 -20.67
C TRP D 672 -21.36 -35.63 -21.11
N THR D 673 -21.08 -35.91 -22.38
CA THR D 673 -21.12 -37.28 -22.87
C THR D 673 -20.13 -38.17 -22.11
N TYR D 674 -18.90 -37.69 -21.95
CA TYR D 674 -17.91 -38.45 -21.20
C TYR D 674 -18.34 -38.60 -19.74
N MET D 675 -18.88 -37.53 -19.15
CA MET D 675 -19.27 -37.59 -17.74
C MET D 675 -20.39 -38.60 -17.52
N ARG D 676 -21.36 -38.65 -18.43
CA ARG D 676 -22.45 -39.59 -18.27
C ARG D 676 -22.02 -41.03 -18.57
N SER D 677 -21.15 -41.21 -19.57
CA SER D 677 -20.69 -42.55 -19.91
C SER D 677 -19.57 -43.06 -19.01
N ALA D 678 -19.05 -42.22 -18.12
CA ALA D 678 -17.92 -42.61 -17.28
C ALA D 678 -18.33 -43.67 -16.27
N GLU D 679 -17.45 -44.63 -16.05
CA GLU D 679 -17.63 -45.67 -15.04
C GLU D 679 -16.39 -45.73 -14.18
N PRO D 680 -16.52 -45.78 -12.84
CA PRO D 680 -17.76 -45.76 -12.05
C PRO D 680 -18.41 -44.39 -11.98
N SER D 681 -19.31 -44.18 -11.02
CA SER D 681 -20.00 -42.89 -10.90
C SER D 681 -19.01 -41.78 -10.60
N VAL D 682 -19.12 -40.68 -11.35
CA VAL D 682 -18.20 -39.56 -11.22
C VAL D 682 -18.80 -38.42 -10.38
N PHE D 683 -20.13 -38.37 -10.24
CA PHE D 683 -20.75 -37.30 -9.48
C PHE D 683 -20.53 -37.51 -7.98
N THR D 684 -20.44 -36.39 -7.26
CA THR D 684 -20.22 -36.41 -5.82
C THR D 684 -21.44 -35.86 -5.10
N ARG D 685 -21.72 -36.42 -3.92
CA ARG D 685 -22.89 -35.99 -3.15
C ARG D 685 -22.75 -34.54 -2.68
N THR D 686 -21.58 -34.18 -2.15
CA THR D 686 -21.35 -32.85 -1.64
C THR D 686 -20.05 -32.28 -2.22
N THR D 687 -19.95 -30.96 -2.20
CA THR D 687 -18.74 -30.30 -2.71
C THR D 687 -17.53 -30.61 -1.84
N ALA D 688 -17.73 -30.72 -0.53
CA ALA D 688 -16.63 -31.11 0.35
C ALA D 688 -16.14 -32.52 0.02
N GLU D 689 -17.07 -33.43 -0.27
CA GLU D 689 -16.68 -34.77 -0.68
C GLU D 689 -15.93 -34.74 -2.01
N GLY D 690 -16.35 -33.88 -2.94
CA GLY D 690 -15.62 -33.75 -4.19
C GLY D 690 -14.21 -33.23 -4.01
N VAL D 691 -14.04 -32.24 -3.13
CA VAL D 691 -12.71 -31.72 -2.84
C VAL D 691 -11.85 -32.78 -2.18
N ALA D 692 -12.43 -33.56 -1.28
CA ALA D 692 -11.70 -34.65 -0.65
C ALA D 692 -11.29 -35.71 -1.68
N ARG D 693 -12.17 -36.00 -2.62
CA ARG D 693 -11.84 -36.94 -3.70
C ARG D 693 -10.72 -36.41 -4.57
N VAL D 694 -10.75 -35.11 -4.88
CA VAL D 694 -9.68 -34.49 -5.67
C VAL D 694 -8.35 -34.60 -4.93
N ARG D 695 -8.35 -34.29 -3.64
CA ARG D 695 -7.11 -34.35 -2.85
C ARG D 695 -6.60 -35.79 -2.75
N LYS D 696 -7.51 -36.75 -2.58
CA LYS D 696 -7.11 -38.14 -2.38
C LYS D 696 -6.62 -38.78 -3.68
N SER D 697 -7.17 -38.37 -4.82
CA SER D 697 -6.86 -39.00 -6.10
C SER D 697 -5.44 -38.73 -6.58
N LYS D 698 -4.65 -37.96 -5.83
CA LYS D 698 -3.26 -37.67 -6.18
C LYS D 698 -3.14 -37.04 -7.56
N GLY D 699 -4.03 -36.08 -7.84
CA GLY D 699 -3.99 -35.36 -9.10
C GLY D 699 -4.58 -36.09 -10.28
N LYS D 700 -5.24 -37.22 -10.06
CA LYS D 700 -5.87 -37.97 -11.14
C LYS D 700 -7.35 -37.65 -11.31
N PHE D 701 -7.88 -36.69 -10.55
CA PHE D 701 -9.28 -36.31 -10.66
C PHE D 701 -9.41 -34.80 -10.58
N ALA D 702 -10.31 -34.25 -11.40
CA ALA D 702 -10.59 -32.82 -11.43
C ALA D 702 -12.05 -32.58 -11.08
N PHE D 703 -12.30 -31.43 -10.45
CA PHE D 703 -13.64 -31.07 -9.99
C PHE D 703 -14.08 -29.78 -10.67
N LEU D 704 -15.31 -29.78 -11.19
CA LEU D 704 -15.88 -28.61 -11.86
C LEU D 704 -16.83 -27.92 -10.88
N LEU D 705 -16.32 -26.93 -10.16
CA LEU D 705 -17.08 -26.19 -9.18
C LEU D 705 -16.92 -24.69 -9.44
N GLU D 706 -17.78 -23.91 -8.80
CA GLU D 706 -17.81 -22.47 -9.04
C GLU D 706 -16.52 -21.81 -8.57
N SER D 707 -16.18 -20.69 -9.21
CA SER D 707 -14.85 -20.10 -9.04
C SER D 707 -14.63 -19.53 -7.65
N THR D 708 -15.67 -18.97 -7.02
CA THR D 708 -15.49 -18.37 -5.71
C THR D 708 -15.07 -19.41 -4.67
N MET D 709 -15.81 -20.53 -4.59
CA MET D 709 -15.42 -21.60 -3.68
C MET D 709 -14.09 -22.21 -4.07
N ASN D 710 -13.80 -22.28 -5.38
CA ASN D 710 -12.51 -22.81 -5.82
C ASN D 710 -11.36 -21.97 -5.29
N GLU D 711 -11.49 -20.65 -5.36
CA GLU D 711 -10.45 -19.77 -4.84
C GLU D 711 -10.39 -19.81 -3.32
N TYR D 712 -11.54 -19.96 -2.65
CA TYR D 712 -11.52 -20.06 -1.19
C TYR D 712 -10.81 -21.33 -0.73
N ILE D 713 -11.13 -22.47 -1.36
CA ILE D 713 -10.52 -23.74 -0.94
C ILE D 713 -9.03 -23.75 -1.26
N GLU D 714 -8.64 -23.11 -2.37
CA GLU D 714 -7.23 -23.07 -2.74
C GLU D 714 -6.37 -22.40 -1.67
N GLN D 715 -6.92 -21.43 -0.95
CA GLN D 715 -6.20 -20.72 0.09
C GLN D 715 -6.45 -21.29 1.49
N ARG D 716 -6.70 -22.59 1.59
CA ARG D 716 -6.86 -23.28 2.85
C ARG D 716 -5.90 -24.46 2.91
N LYS D 717 -5.51 -24.84 4.13
CA LYS D 717 -4.58 -25.95 4.31
C LYS D 717 -5.21 -27.25 3.82
N PRO D 718 -4.39 -28.18 3.30
CA PRO D 718 -2.92 -28.16 3.18
C PRO D 718 -2.41 -27.47 1.92
N CYS D 719 -3.23 -26.58 1.33
CA CYS D 719 -2.83 -25.76 0.18
C CYS D 719 -2.47 -26.64 -1.02
N ASP D 720 -3.18 -27.76 -1.17
CA ASP D 720 -2.87 -28.75 -2.19
C ASP D 720 -3.84 -28.69 -3.38
N THR D 721 -4.62 -27.62 -3.50
CA THR D 721 -5.52 -27.44 -4.62
C THR D 721 -5.25 -26.10 -5.28
N MET D 722 -5.51 -26.02 -6.59
CA MET D 722 -5.23 -24.80 -7.34
C MET D 722 -6.31 -24.61 -8.40
N LYS D 723 -6.44 -23.36 -8.85
CA LYS D 723 -7.39 -22.98 -9.89
C LYS D 723 -6.67 -22.92 -11.23
N VAL D 724 -7.29 -23.49 -12.26
CA VAL D 724 -6.71 -23.53 -13.60
C VAL D 724 -7.79 -23.15 -14.61
N GLY D 725 -7.40 -22.38 -15.62
CA GLY D 725 -8.26 -22.06 -16.73
C GLY D 725 -9.27 -20.97 -16.42
N GLY D 726 -9.90 -20.47 -17.48
CA GLY D 726 -10.92 -19.47 -17.33
C GLY D 726 -12.28 -20.06 -17.00
N ASN D 727 -13.23 -19.18 -16.73
CA ASN D 727 -14.58 -19.61 -16.38
C ASN D 727 -15.31 -20.14 -17.61
N LEU D 728 -15.93 -21.31 -17.46
CA LEU D 728 -16.66 -21.90 -18.57
C LEU D 728 -17.90 -21.09 -18.92
N ASP D 729 -18.62 -20.59 -17.90
CA ASP D 729 -19.80 -19.77 -18.11
C ASP D 729 -19.73 -18.57 -17.19
N SER D 730 -20.76 -17.72 -17.26
CA SER D 730 -20.81 -16.48 -16.49
C SER D 730 -22.08 -16.44 -15.67
N LYS D 731 -21.95 -16.09 -14.38
CA LYS D 731 -23.07 -15.93 -13.48
C LYS D 731 -22.73 -14.84 -12.49
N GLY D 732 -23.62 -14.62 -11.52
CA GLY D 732 -23.40 -13.59 -10.52
C GLY D 732 -24.24 -13.84 -9.29
N TYR D 733 -23.81 -13.23 -8.19
CA TYR D 733 -24.51 -13.31 -6.92
C TYR D 733 -25.25 -12.00 -6.69
N GLY D 734 -26.52 -12.09 -6.32
CA GLY D 734 -27.36 -10.91 -6.17
C GLY D 734 -27.92 -10.78 -4.77
N VAL D 735 -28.21 -9.55 -4.37
CA VAL D 735 -28.86 -9.27 -3.10
C VAL D 735 -30.36 -9.27 -3.38
N ALA D 736 -30.98 -10.42 -3.19
CA ALA D 736 -32.38 -10.60 -3.57
C ALA D 736 -33.31 -9.86 -2.62
N THR D 737 -34.36 -9.26 -3.19
CA THR D 737 -35.43 -8.61 -2.46
C THR D 737 -36.76 -9.10 -2.99
N PRO D 738 -37.81 -9.11 -2.17
CA PRO D 738 -39.10 -9.59 -2.64
C PRO D 738 -39.68 -8.69 -3.72
N LYS D 739 -40.48 -9.29 -4.60
CA LYS D 739 -41.08 -8.57 -5.72
C LYS D 739 -42.02 -7.48 -5.21
N GLY D 740 -41.90 -6.29 -5.78
CA GLY D 740 -42.73 -5.17 -5.42
C GLY D 740 -42.29 -4.42 -4.18
N SER D 741 -41.21 -4.84 -3.53
CA SER D 741 -40.75 -4.16 -2.33
C SER D 741 -40.15 -2.80 -2.68
N SER D 742 -40.26 -1.86 -1.72
CA SER D 742 -39.70 -0.53 -1.90
C SER D 742 -38.20 -0.48 -1.65
N LEU D 743 -37.60 -1.57 -1.18
CA LEU D 743 -36.18 -1.63 -0.87
C LEU D 743 -35.32 -2.02 -2.07
N ARG D 744 -35.93 -2.30 -3.22
CA ARG D 744 -35.17 -2.75 -4.38
C ARG D 744 -34.20 -1.69 -4.87
N THR D 745 -34.70 -0.48 -5.11
CA THR D 745 -33.86 0.59 -5.65
C THR D 745 -32.74 1.01 -4.70
N PRO D 746 -32.98 1.27 -3.41
CA PRO D 746 -31.85 1.62 -2.53
C PRO D 746 -30.80 0.53 -2.46
N VAL D 747 -31.22 -0.74 -2.42
CA VAL D 747 -30.26 -1.84 -2.39
C VAL D 747 -29.44 -1.87 -3.67
N ASN D 748 -30.10 -1.73 -4.82
CA ASN D 748 -29.40 -1.78 -6.10
C ASN D 748 -28.37 -0.66 -6.19
N LEU D 749 -28.77 0.57 -5.84
CA LEU D 749 -27.83 1.68 -5.89
C LEU D 749 -26.70 1.52 -4.87
N ALA D 750 -27.00 0.95 -3.70
CA ALA D 750 -25.95 0.73 -2.71
C ALA D 750 -24.91 -0.27 -3.22
N VAL D 751 -25.36 -1.37 -3.82
CA VAL D 751 -24.43 -2.35 -4.38
C VAL D 751 -23.60 -1.71 -5.49
N LEU D 752 -24.24 -0.92 -6.37
CA LEU D 752 -23.49 -0.29 -7.45
C LEU D 752 -22.44 0.68 -6.91
N LYS D 753 -22.81 1.48 -5.90
CA LYS D 753 -21.85 2.42 -5.31
C LYS D 753 -20.70 1.68 -4.65
N LEU D 754 -21.00 0.60 -3.92
CA LEU D 754 -19.95 -0.19 -3.29
C LEU D 754 -19.02 -0.79 -4.33
N SER D 755 -19.58 -1.30 -5.43
CA SER D 755 -18.76 -1.89 -6.48
C SER D 755 -17.84 -0.85 -7.12
N GLU D 756 -18.38 0.35 -7.40
CA GLU D 756 -17.53 1.38 -8.00
C GLU D 756 -16.47 1.89 -7.03
N ALA D 757 -16.82 2.00 -5.74
CA ALA D 757 -15.89 2.54 -4.76
C ALA D 757 -14.71 1.60 -4.48
N GLY D 758 -14.77 0.36 -4.96
CA GLY D 758 -13.72 -0.60 -4.69
C GLY D 758 -13.83 -1.31 -3.35
N VAL D 759 -14.90 -1.05 -2.59
CA VAL D 759 -15.07 -1.71 -1.30
C VAL D 759 -15.30 -3.19 -1.48
N LEU D 760 -16.02 -3.58 -2.53
CA LEU D 760 -16.28 -5.00 -2.78
C LEU D 760 -14.99 -5.76 -3.07
N ASP D 761 -14.11 -5.18 -3.90
CA ASP D 761 -12.83 -5.81 -4.17
C ASP D 761 -11.98 -5.88 -2.90
N LYS D 762 -12.02 -4.82 -2.09
CA LYS D 762 -11.31 -4.84 -0.81
C LYS D 762 -11.80 -5.99 0.07
N LEU D 763 -13.12 -6.17 0.14
CA LEU D 763 -13.68 -7.23 0.98
C LEU D 763 -13.27 -8.60 0.45
N LYS D 764 -13.37 -8.81 -0.86
CA LYS D 764 -13.00 -10.10 -1.43
C LYS D 764 -11.53 -10.40 -1.18
N ASN D 765 -10.65 -9.42 -1.39
CA ASN D 765 -9.24 -9.61 -1.12
C ASN D 765 -9.01 -9.93 0.35
N LYS D 766 -9.65 -9.16 1.24
CA LYS D 766 -9.42 -9.34 2.67
C LYS D 766 -9.86 -10.71 3.15
N TRP D 767 -10.98 -11.21 2.64
CA TRP D 767 -11.51 -12.49 3.11
C TRP D 767 -11.07 -13.67 2.26
N TRP D 768 -10.29 -13.46 1.20
CA TRP D 768 -9.73 -14.56 0.43
C TRP D 768 -8.22 -14.71 0.62
N TYR D 769 -7.46 -13.63 0.47
CA TYR D 769 -6.01 -13.69 0.50
C TYR D 769 -5.42 -13.20 1.82
N ASP D 770 -5.94 -12.11 2.38
CA ASP D 770 -5.40 -11.57 3.63
C ASP D 770 -5.58 -12.55 4.77
N LYS D 771 -6.75 -13.18 4.86
CA LYS D 771 -7.03 -14.18 5.89
C LYS D 771 -6.76 -15.60 5.42
N GLY D 772 -6.24 -15.78 4.21
CA GLY D 772 -5.90 -17.11 3.74
C GLY D 772 -4.72 -17.68 4.50
N GLU D 773 -4.70 -19.01 4.59
CA GLU D 773 -3.66 -19.72 5.33
C GLU D 773 -2.44 -20.06 4.47
N CYS D 774 -2.51 -19.87 3.16
CA CYS D 774 -1.37 -20.11 2.27
C CYS D 774 -0.68 -18.81 1.90
N GLY D 775 -1.01 -17.72 2.57
CA GLY D 775 -0.41 -16.44 2.24
C GLY D 775 0.98 -16.31 2.85
C01 E2Q E . -13.04 3.12 -23.25
C02 E2Q E . -14.35 3.19 -22.80
C03 E2Q E . -15.34 2.36 -23.34
C04 E2Q E . -16.68 2.44 -22.87
C05 E2Q E . -17.66 1.60 -23.41
C06 E2Q E . -17.33 0.69 -24.42
C07 E2Q E . -16.01 0.60 -24.88
C08 E2Q E . -15.01 1.45 -24.33
C09 E2Q E . -13.69 1.38 -24.79
C10 E2Q E . -12.71 2.21 -24.25
C19 E2Q E . -19.41 2.63 -21.89
C21 E2Q E . -18.36 3.51 -21.32
N14 E2Q E . -13.35 -1.18 -26.03
N15 E2Q E . -16.21 -0.44 -25.87
N18 E2Q E . -19.07 1.69 -22.92
N23 E2Q E . -17.02 3.41 -21.80
O12 E2Q E . -12.84 1.03 -27.35
O13 E2Q E . -11.33 0.46 -25.76
O16 E2Q E . -16.19 -0.18 -27.01
O17 E2Q E . -16.40 -1.76 -25.47
O20 E2Q E . -20.52 2.69 -21.49
O22 E2Q E . -18.61 4.28 -20.47
S11 E2Q E . -12.77 0.41 -26.01
C01 E2Q F . 21.66 21.16 3.11
C02 E2Q F . 21.89 22.05 4.16
C03 E2Q F . 23.18 22.56 4.37
C04 E2Q F . 23.42 23.47 5.44
C05 E2Q F . 24.71 23.98 5.66
C06 E2Q F . 25.77 23.59 4.84
C07 E2Q F . 25.53 22.68 3.79
C08 E2Q F . 24.23 22.18 3.56
C09 E2Q F . 23.99 21.27 2.52
C10 E2Q F . 22.72 20.77 2.29
C19 E2Q F . 23.87 25.36 7.63
C21 E2Q F . 22.51 24.80 7.37
N14 E2Q F . 26.05 19.33 1.89
N15 E2Q F . 26.88 22.61 3.27
N18 E2Q F . 24.96 24.95 6.78
N23 E2Q F . 22.29 23.89 6.30
O12 E2Q F . 24.12 19.90 0.18
O13 E2Q F . 25.69 21.50 0.44
O16 E2Q F . 27.64 21.83 3.69
O17 E2Q F . 27.26 23.49 2.24
O20 E2Q F . 24.05 26.12 8.52
O22 E2Q F . 21.60 25.12 8.05
S11 E2Q F . 24.98 20.48 1.22
C01 E2Q G . 9.28 0.14 25.36
C02 E2Q G . 9.18 1.49 25.71
C03 E2Q G . 10.33 2.25 25.95
C04 E2Q G . 10.24 3.62 26.31
C05 E2Q G . 11.41 4.36 26.54
C06 E2Q G . 12.66 3.75 26.43
C07 E2Q G . 12.76 2.40 26.09
C08 E2Q G . 11.57 1.64 25.84
C09 E2Q G . 11.69 0.29 25.49
C10 E2Q G . 10.53 -0.46 25.25
C19 E2Q G . 10.06 6.44 27.03
C21 E2Q G . 8.81 5.67 26.78
N14 E2Q G . 14.24 -0.70 26.42
N15 E2Q G . 14.20 2.27 26.12
N18 E2Q G . 11.33 5.80 26.91
N23 E2Q G . 8.90 4.28 26.42
O12 E2Q G . 12.52 -2.28 25.24
O13 E2Q G . 13.58 -0.82 23.89
O16 E2Q G . 14.80 2.12 25.11
O17 E2Q G . 14.89 2.31 27.33
O20 E2Q G . 10.00 7.59 27.33
O22 E2Q G . 7.75 6.20 26.87
S11 E2Q G . 13.02 -0.92 25.23
C01 E2Q H . -21.70 -21.17 -3.10
C02 E2Q H . -23.02 -21.03 -3.54
C03 E2Q H . -23.68 -22.11 -4.14
C04 E2Q H . -25.01 -21.97 -4.60
C05 E2Q H . -25.68 -23.06 -5.20
C06 E2Q H . -25.01 -24.28 -5.35
C07 E2Q H . -23.70 -24.42 -4.89
C08 E2Q H . -23.03 -23.31 -4.29
C09 E2Q H . -21.71 -23.46 -3.84
C10 E2Q H . -21.05 -22.39 -3.24
C19 E2Q H . -27.76 -21.65 -5.53
C21 E2Q H . -27.05 -20.51 -4.91
N14 E2Q H . -19.74 -24.97 -5.32
N15 E2Q H . -23.49 -25.81 -5.27
N18 E2Q H . -27.08 -22.91 -5.68
N23 E2Q H . -25.71 -20.67 -4.44
O12 E2Q H . -19.47 -24.54 -2.75
O13 E2Q H . -21.08 -26.01 -3.33
O16 E2Q H . -22.99 -26.07 -6.31
O17 E2Q H . -23.88 -26.83 -4.40
O20 E2Q H . -28.88 -21.53 -5.91
O22 E2Q H . -27.61 -19.47 -4.78
S11 E2Q H . -20.46 -24.78 -3.80
#